data_8T5S
#
_entry.id   8T5S
#
loop_
_entity.id
_entity.type
_entity.pdbx_description
1 polymer 'Dicer-related helicase'
2 polymer 'RNA (30-MER)'
3 polymer 'RNA (30-MER)'
4 non-polymer 'ZINC ION'
5 non-polymer 'MAGNESIUM ION'
6 non-polymer "ADENOSINE-5'-DIPHOSPHATE"
#
loop_
_entity_poly.entity_id
_entity_poly.type
_entity_poly.pdbx_seq_one_letter_code
_entity_poly.pdbx_strand_id
1 'polypeptide(L)'
;MASWSHPQFEKGGGARGGSGGGSWSHPQFEKGFDYKDDDDKGTRSPLEVLFQGPMRKKQCSSILSLYDKEIILCLEPIYR
DPEKGDGFSELLPLGRIDELKIQSENAQEFSKQLYHDLKNSILSNADDERLYKDIMTYLQTYLPKCTVHKLLNCSNREVK
LSDFHYILDHFEGFLRFIEPKVVLAYLDSYPQYIDAVAVLRKEIERNEEDNQDSDFIKKLILRTVPLLGEQAVYDIMYTI
SEKSSNNLDVEAKQFIAKVLRLKNDGFLRFYQIINASRRQLNGRIYICPVHESATEMMVYLGTAALNTNRYRMINIRVDN
IVQENSTPRLVIESVRQRIHRQRQLCLRNYQEELCQVALQGKNTIVTAPTGSGKTVIAANIIKEHFESRSSEGKRFKALF
MTPNSMILNQQAASISSYLDHVYHTQIIQGSDNVPTRNVIQSKDLIVATPQMIVNLCNEHRNSLDDESRLDQFFLSTFTI
IFFDECHNTVKNSPYSNIMREYHYLKNMGNMPEGHSLPQIIGLTASLGTGDKNDCLQVRNYIAGLCASMDVKDLSIVKDN
LEELRGYSPIVPDKVLLCERSTDGPIGMFTNRLTLMMQEVEGLIRTALRNEHIGIEQRRQIETTERDFRPDSSFLDPPAD
KEHAGYQNWVCNQMNLVSGTSFRETGTRTIINEALDVLKECFCTLSYNINFHPEVALNYLKDEMEYRTPNFTVNMIRIWE
RYHNQLVGTGSAENPMISKTVQYIVEQNLQRADSRTIIFVRTRYEATILNKVLNSNEELLMLGIKSEWMSGLNKSTASSA
DISASKQKQMEKLKMFADGEIRILVSTSVAEEGLDVPECSLVIKYNYATNEIAHVQRRGRGRALNSECVLITNSIALRDQ
ESNNRDKESLMSETISLIQNSPAEFRKCVDEESNKIWPRILREDTDKAQKIEEQINRNIVYKIICKKCEAILCTSKDIRS
RNTQYLVCDPGFWSLVRKTRLTDEQQALIKYNATGSINCRRENCGLKLGQLIEVNTVDLPCLSALSIVLLVEGTDKRIIV
KKWKNILDKYFTPTEIRQLDVQTMRDADQARTPMVFEHHANGEVVNLIREA
;
A
2 'polyribonucleotide' UUUUUUUUUUUUUUUUUUUUUUUUUUUUUU C
3 'polyribonucleotide' AAAAAAAAAAAAAAAAAAAAAAAAAAAAAA B
#
# COMPACT_ATOMS: atom_id res chain seq x y z
N GLN A 344 -34.50 -12.03 -1.27
CA GLN A 344 -33.66 -13.23 -1.24
C GLN A 344 -33.05 -13.51 -2.60
N LEU A 345 -31.90 -14.20 -2.60
CA LEU A 345 -31.20 -14.56 -3.82
C LEU A 345 -31.17 -16.07 -3.94
N CYS A 346 -31.52 -16.58 -5.12
CA CYS A 346 -31.52 -18.02 -5.36
C CYS A 346 -30.09 -18.53 -5.47
N LEU A 347 -29.80 -19.61 -4.74
CA LEU A 347 -28.46 -20.17 -4.75
C LEU A 347 -28.20 -20.93 -6.05
N ARG A 348 -26.98 -20.80 -6.56
CA ARG A 348 -26.58 -21.49 -7.78
C ARG A 348 -26.07 -22.90 -7.44
N ASN A 349 -25.88 -23.70 -8.49
CA ASN A 349 -25.47 -25.09 -8.29
C ASN A 349 -24.08 -25.18 -7.67
N TYR A 350 -23.12 -24.44 -8.22
CA TYR A 350 -21.76 -24.48 -7.69
C TYR A 350 -21.70 -23.83 -6.31
N GLN A 351 -22.49 -22.77 -6.09
CA GLN A 351 -22.55 -22.16 -4.76
C GLN A 351 -23.10 -23.14 -3.74
N GLU A 352 -24.15 -23.87 -4.10
CA GLU A 352 -24.71 -24.88 -3.20
C GLU A 352 -23.71 -25.99 -2.93
N GLU A 353 -22.98 -26.42 -3.96
CA GLU A 353 -21.96 -27.45 -3.78
C GLU A 353 -20.87 -26.98 -2.83
N LEU A 354 -20.42 -25.74 -2.98
CA LEU A 354 -19.42 -25.18 -2.07
C LEU A 354 -19.96 -25.08 -0.65
N CYS A 355 -21.23 -24.68 -0.51
CA CYS A 355 -21.82 -24.57 0.82
C CYS A 355 -21.98 -25.93 1.48
N GLN A 356 -22.18 -26.99 0.69
CA GLN A 356 -22.34 -28.32 1.27
C GLN A 356 -21.09 -28.76 2.01
N VAL A 357 -19.91 -28.43 1.49
CA VAL A 357 -18.66 -28.81 2.13
C VAL A 357 -18.54 -28.17 3.51
N ALA A 358 -18.86 -26.88 3.59
CA ALA A 358 -18.77 -26.17 4.86
C ALA A 358 -19.95 -26.44 5.80
N LEU A 359 -21.04 -27.03 5.28
CA LEU A 359 -22.19 -27.33 6.13
C LEU A 359 -21.91 -28.45 7.13
N GLN A 360 -20.80 -29.17 6.99
CA GLN A 360 -20.48 -30.26 7.90
C GLN A 360 -19.94 -29.76 9.24
N GLY A 361 -19.68 -28.47 9.38
CA GLY A 361 -19.17 -27.92 10.62
C GLY A 361 -17.66 -27.85 10.72
N LYS A 362 -16.93 -28.44 9.78
CA LYS A 362 -15.48 -28.40 9.81
C LYS A 362 -14.97 -27.12 9.16
N ASN A 363 -13.71 -26.80 9.46
CA ASN A 363 -13.08 -25.61 8.91
C ASN A 363 -12.66 -25.88 7.47
N THR A 364 -13.27 -25.16 6.53
CA THR A 364 -13.00 -25.34 5.11
C THR A 364 -12.63 -24.01 4.48
N ILE A 365 -11.85 -24.07 3.41
CA ILE A 365 -11.43 -22.90 2.65
C ILE A 365 -12.07 -22.99 1.27
N VAL A 366 -12.76 -21.94 0.87
CA VAL A 366 -13.46 -21.88 -0.41
C VAL A 366 -12.63 -21.05 -1.37
N THR A 367 -12.30 -21.63 -2.53
CA THR A 367 -11.54 -20.96 -3.57
C THR A 367 -12.43 -20.80 -4.79
N ALA A 368 -12.91 -19.57 -5.01
CA ALA A 368 -13.80 -19.27 -6.12
C ALA A 368 -13.31 -18.05 -6.86
N PRO A 369 -13.60 -17.96 -8.16
CA PRO A 369 -13.21 -16.76 -8.92
C PRO A 369 -13.95 -15.53 -8.43
N THR A 370 -13.32 -14.37 -8.62
CA THR A 370 -13.93 -13.11 -8.22
C THR A 370 -15.22 -12.87 -9.00
N GLY A 371 -16.24 -12.38 -8.30
CA GLY A 371 -17.53 -12.13 -8.91
C GLY A 371 -18.44 -13.34 -8.98
N SER A 372 -18.04 -14.48 -8.41
CA SER A 372 -18.86 -15.69 -8.45
C SER A 372 -19.89 -15.74 -7.32
N GLY A 373 -19.86 -14.78 -6.39
CA GLY A 373 -20.84 -14.76 -5.32
C GLY A 373 -20.35 -15.34 -4.01
N LYS A 374 -19.15 -14.95 -3.59
CA LYS A 374 -18.64 -15.41 -2.29
C LYS A 374 -19.45 -14.83 -1.13
N THR A 375 -19.94 -13.60 -1.27
CA THR A 375 -20.76 -13.00 -0.23
C THR A 375 -22.06 -13.77 -0.04
N VAL A 376 -22.68 -14.22 -1.14
CA VAL A 376 -23.91 -15.00 -1.04
C VAL A 376 -23.65 -16.31 -0.33
N ILE A 377 -22.54 -16.97 -0.66
CA ILE A 377 -22.18 -18.23 0.00
C ILE A 377 -21.95 -18.01 1.49
N ALA A 378 -21.23 -16.94 1.84
CA ALA A 378 -20.97 -16.64 3.25
C ALA A 378 -22.27 -16.36 4.00
N ALA A 379 -23.17 -15.59 3.39
CA ALA A 379 -24.45 -15.30 4.04
C ALA A 379 -25.29 -16.55 4.22
N ASN A 380 -25.29 -17.44 3.21
CA ASN A 380 -26.04 -18.69 3.33
C ASN A 380 -25.46 -19.57 4.44
N ILE A 381 -24.13 -19.64 4.53
CA ILE A 381 -23.50 -20.43 5.59
C ILE A 381 -23.85 -19.85 6.96
N ILE A 382 -23.80 -18.52 7.08
CA ILE A 382 -24.16 -17.88 8.34
C ILE A 382 -25.60 -18.19 8.72
N LYS A 383 -26.51 -18.09 7.74
CA LYS A 383 -27.92 -18.37 8.01
C LYS A 383 -28.12 -19.82 8.44
N GLU A 384 -27.47 -20.76 7.76
CA GLU A 384 -27.61 -22.17 8.12
C GLU A 384 -27.06 -22.44 9.51
N HIS A 385 -25.91 -21.86 9.84
CA HIS A 385 -25.33 -22.05 11.17
C HIS A 385 -26.23 -21.47 12.25
N PHE A 386 -26.79 -20.28 12.01
CA PHE A 386 -27.69 -19.67 12.98
C PHE A 386 -28.95 -20.51 13.16
N GLU A 387 -29.49 -21.04 12.05
CA GLU A 387 -30.68 -21.88 12.14
C GLU A 387 -30.40 -23.15 12.93
N SER A 388 -29.24 -23.78 12.67
CA SER A 388 -28.88 -24.99 13.41
C SER A 388 -28.70 -24.70 14.90
N ARG A 389 -28.03 -23.59 15.23
CA ARG A 389 -27.82 -23.25 16.64
C ARG A 389 -29.15 -22.94 17.33
N SER A 390 -30.07 -22.25 16.64
CA SER A 390 -31.38 -21.99 17.22
C SER A 390 -32.19 -23.28 17.39
N SER A 391 -32.09 -24.20 16.43
CA SER A 391 -32.81 -25.46 16.54
C SER A 391 -32.29 -26.29 17.71
N GLU A 392 -30.97 -26.32 17.90
CA GLU A 392 -30.39 -27.06 19.01
C GLU A 392 -30.48 -26.32 20.34
N GLY A 393 -30.89 -25.05 20.33
CA GLY A 393 -31.10 -24.31 21.56
C GLY A 393 -29.83 -23.86 22.24
N LYS A 394 -28.95 -23.20 21.49
CA LYS A 394 -27.71 -22.68 22.03
C LYS A 394 -27.41 -21.32 21.41
N ARG A 395 -26.55 -20.57 22.08
CA ARG A 395 -26.20 -19.23 21.61
C ARG A 395 -25.47 -19.29 20.28
N PHE A 396 -25.69 -18.26 19.45
CA PHE A 396 -25.07 -18.16 18.15
C PHE A 396 -24.48 -16.77 17.95
N LYS A 397 -23.36 -16.71 17.24
CA LYS A 397 -22.71 -15.44 16.94
C LYS A 397 -21.89 -15.61 15.67
N ALA A 398 -21.90 -14.58 14.82
CA ALA A 398 -21.19 -14.59 13.56
C ALA A 398 -20.30 -13.35 13.45
N LEU A 399 -19.09 -13.55 12.94
CA LEU A 399 -18.14 -12.46 12.75
C LEU A 399 -17.68 -12.44 11.30
N PHE A 400 -17.82 -11.30 10.66
CA PHE A 400 -17.40 -11.11 9.27
C PHE A 400 -16.28 -10.09 9.24
N MET A 401 -15.20 -10.42 8.52
CA MET A 401 -14.01 -9.57 8.48
C MET A 401 -13.55 -9.43 7.04
N THR A 402 -13.26 -8.20 6.63
CA THR A 402 -12.73 -7.91 5.30
C THR A 402 -11.51 -6.99 5.42
N PRO A 403 -10.47 -7.23 4.63
CA PRO A 403 -9.28 -6.38 4.71
C PRO A 403 -9.53 -4.93 4.37
N ASN A 404 -10.46 -4.65 3.44
CA ASN A 404 -10.71 -3.30 2.96
C ASN A 404 -12.01 -2.77 3.54
N SER A 405 -11.97 -1.53 4.04
CA SER A 405 -13.16 -0.90 4.59
C SER A 405 -14.08 -0.34 3.51
N MET A 406 -13.57 -0.19 2.28
CA MET A 406 -14.44 0.27 1.19
C MET A 406 -15.54 -0.74 0.90
N ILE A 407 -15.22 -2.04 0.95
CA ILE A 407 -16.20 -3.09 0.69
C ILE A 407 -16.96 -3.49 1.95
N LEU A 408 -16.60 -2.95 3.12
CA LEU A 408 -17.26 -3.34 4.36
C LEU A 408 -18.74 -3.04 4.32
N ASN A 409 -19.10 -1.82 3.88
CA ASN A 409 -20.51 -1.43 3.84
C ASN A 409 -21.30 -2.30 2.86
N GLN A 410 -20.72 -2.54 1.68
CA GLN A 410 -21.42 -3.36 0.68
C GLN A 410 -21.61 -4.79 1.17
N GLN A 411 -20.57 -5.38 1.76
CA GLN A 411 -20.69 -6.74 2.27
C GLN A 411 -21.72 -6.81 3.40
N ALA A 412 -21.71 -5.84 4.31
CA ALA A 412 -22.68 -5.82 5.39
C ALA A 412 -24.10 -5.68 4.86
N ALA A 413 -24.31 -4.80 3.88
CA ALA A 413 -25.63 -4.63 3.30
C ALA A 413 -26.10 -5.89 2.60
N SER A 414 -25.22 -6.55 1.86
CA SER A 414 -25.59 -7.79 1.19
C SER A 414 -25.92 -8.89 2.19
N ILE A 415 -25.15 -8.99 3.27
CA ILE A 415 -25.42 -9.99 4.30
C ILE A 415 -26.77 -9.71 4.96
N SER A 416 -27.04 -8.45 5.29
CA SER A 416 -28.32 -8.10 5.89
C SER A 416 -29.48 -8.39 4.95
N SER A 417 -29.32 -8.09 3.67
CA SER A 417 -30.38 -8.35 2.70
C SER A 417 -30.64 -9.85 2.56
N TYR A 418 -29.59 -10.66 2.53
CA TYR A 418 -29.76 -12.10 2.41
C TYR A 418 -30.43 -12.69 3.65
N LEU A 419 -30.08 -12.19 4.83
CA LEU A 419 -30.67 -12.66 6.08
C LEU A 419 -32.04 -12.06 6.35
N ASP A 420 -32.59 -11.28 5.42
CA ASP A 420 -33.91 -10.66 5.54
C ASP A 420 -34.00 -9.70 6.73
N HIS A 421 -32.85 -9.19 7.19
CA HIS A 421 -32.80 -8.22 8.29
C HIS A 421 -33.49 -8.76 9.54
N VAL A 422 -33.28 -10.04 9.83
CA VAL A 422 -33.84 -10.62 11.04
C VAL A 422 -32.86 -10.57 12.21
N TYR A 423 -31.56 -10.64 11.93
CA TYR A 423 -30.53 -10.57 12.95
C TYR A 423 -29.87 -9.20 12.92
N HIS A 424 -29.66 -8.62 14.10
CA HIS A 424 -29.07 -7.30 14.20
C HIS A 424 -27.62 -7.32 13.71
N THR A 425 -27.27 -6.29 12.94
CA THR A 425 -25.93 -6.17 12.38
C THR A 425 -25.37 -4.78 12.69
N GLN A 426 -24.11 -4.74 13.08
CA GLN A 426 -23.42 -3.49 13.38
C GLN A 426 -22.05 -3.49 12.73
N ILE A 427 -21.69 -2.38 12.10
CA ILE A 427 -20.41 -2.21 11.42
C ILE A 427 -19.50 -1.39 12.32
N ILE A 428 -18.33 -1.94 12.64
CA ILE A 428 -17.36 -1.28 13.50
C ILE A 428 -16.16 -0.87 12.65
N GLN A 429 -15.87 0.42 12.60
CA GLN A 429 -14.74 0.97 11.87
C GLN A 429 -13.98 1.92 12.78
N GLY A 430 -12.87 2.44 12.27
CA GLY A 430 -12.07 3.37 13.05
C GLY A 430 -12.79 4.67 13.36
N SER A 431 -13.62 5.15 12.42
CA SER A 431 -14.35 6.39 12.64
C SER A 431 -15.35 6.25 13.80
N ASP A 432 -16.02 5.11 13.89
CA ASP A 432 -17.02 4.91 14.93
C ASP A 432 -16.34 4.84 16.30
N ASN A 433 -16.94 5.51 17.27
CA ASN A 433 -16.46 5.52 18.65
C ASN A 433 -17.32 4.67 19.58
N VAL A 434 -18.23 3.87 19.02
CA VAL A 434 -19.10 3.00 19.81
C VAL A 434 -18.25 1.93 20.48
N PRO A 435 -18.48 1.62 21.76
CA PRO A 435 -17.71 0.56 22.41
C PRO A 435 -17.92 -0.78 21.72
N THR A 436 -16.86 -1.58 21.68
CA THR A 436 -16.86 -2.84 20.94
C THR A 436 -17.42 -4.00 21.76
N ARG A 437 -17.01 -4.11 23.02
CA ARG A 437 -17.46 -5.24 23.85
C ARG A 437 -18.96 -5.20 24.07
N ASN A 438 -19.51 -4.02 24.33
CA ASN A 438 -20.95 -3.91 24.59
C ASN A 438 -21.76 -4.31 23.36
N VAL A 439 -21.37 -3.81 22.19
CA VAL A 439 -22.11 -4.15 20.97
C VAL A 439 -21.89 -5.61 20.59
N ILE A 440 -20.72 -6.17 20.91
CA ILE A 440 -20.50 -7.59 20.66
C ILE A 440 -21.42 -8.44 21.54
N GLN A 441 -21.54 -8.08 22.81
CA GLN A 441 -22.40 -8.84 23.72
C GLN A 441 -23.87 -8.68 23.38
N SER A 442 -24.29 -7.47 22.99
CA SER A 442 -25.69 -7.18 22.79
C SER A 442 -26.21 -7.57 21.40
N LYS A 443 -25.33 -7.91 20.47
CA LYS A 443 -25.74 -8.27 19.11
C LYS A 443 -25.15 -9.62 18.73
N ASP A 444 -25.90 -10.37 17.93
CA ASP A 444 -25.52 -11.71 17.52
C ASP A 444 -24.73 -11.73 16.21
N LEU A 445 -24.57 -10.59 15.54
CA LEU A 445 -23.82 -10.50 14.29
C LEU A 445 -22.98 -9.24 14.34
N ILE A 446 -21.65 -9.40 14.38
CA ILE A 446 -20.72 -8.29 14.48
C ILE A 446 -19.81 -8.31 13.26
N VAL A 447 -19.66 -7.16 12.61
CA VAL A 447 -18.73 -6.99 11.49
C VAL A 447 -17.75 -5.90 11.89
N ALA A 448 -16.47 -6.24 11.95
CA ALA A 448 -15.46 -5.31 12.46
C ALA A 448 -14.14 -5.54 11.75
N THR A 449 -13.28 -4.53 11.84
CA THR A 449 -11.94 -4.62 11.27
C THR A 449 -11.12 -5.68 12.01
N PRO A 450 -10.35 -6.50 11.28
CA PRO A 450 -9.56 -7.55 11.96
C PRO A 450 -8.58 -7.02 13.00
N GLN A 451 -8.07 -5.80 12.81
CA GLN A 451 -7.16 -5.23 13.80
C GLN A 451 -7.85 -5.03 15.15
N MET A 452 -9.15 -4.71 15.14
CA MET A 452 -9.89 -4.61 16.39
C MET A 452 -9.98 -5.98 17.07
N ILE A 453 -10.16 -7.04 16.30
CA ILE A 453 -10.16 -8.39 16.87
C ILE A 453 -8.79 -8.72 17.44
N VAL A 454 -7.72 -8.29 16.76
CA VAL A 454 -6.37 -8.52 17.26
C VAL A 454 -6.17 -7.79 18.59
N ASN A 455 -6.64 -6.55 18.67
CA ASN A 455 -6.54 -5.79 19.92
C ASN A 455 -7.33 -6.45 21.04
N LEU A 456 -8.52 -6.94 20.72
CA LEU A 456 -9.31 -7.68 21.70
C LEU A 456 -8.62 -8.98 22.06
N CYS A 457 -8.81 -9.40 23.32
CA CYS A 457 -8.20 -10.58 23.91
C CYS A 457 -6.68 -10.47 24.00
N ASN A 458 -6.12 -9.31 23.68
CA ASN A 458 -4.67 -9.10 23.77
C ASN A 458 -4.28 -7.80 24.47
N GLU A 459 -5.16 -6.81 24.55
CA GLU A 459 -4.84 -5.57 25.23
C GLU A 459 -4.72 -5.75 26.75
N HIS A 460 -5.23 -6.85 27.29
CA HIS A 460 -5.11 -7.10 28.72
C HIS A 460 -3.67 -7.31 29.14
N ARG A 461 -2.83 -7.80 28.23
CA ARG A 461 -1.42 -8.00 28.54
C ARG A 461 -0.70 -6.66 28.67
N ASN A 462 0.44 -6.68 29.35
CA ASN A 462 1.30 -5.53 29.60
C ASN A 462 0.51 -4.29 30.01
N SER A 463 -0.57 -4.48 30.77
CA SER A 463 -1.44 -3.41 31.22
C SER A 463 -1.36 -3.28 32.73
N LEU A 464 -1.19 -2.05 33.21
CA LEU A 464 -1.09 -1.82 34.65
C LEU A 464 -2.43 -2.09 35.32
N ASP A 465 -2.36 -2.59 36.55
CA ASP A 465 -3.55 -2.89 37.34
C ASP A 465 -4.20 -1.61 37.86
N SER A 468 -8.40 -1.79 37.15
CA SER A 468 -8.08 -3.16 36.80
C SER A 468 -7.77 -3.30 35.31
N ARG A 469 -7.87 -4.52 34.80
CA ARG A 469 -7.61 -4.80 33.39
C ARG A 469 -8.88 -4.94 32.57
N LEU A 470 -10.04 -4.56 33.13
CA LEU A 470 -11.33 -4.65 32.44
C LEU A 470 -11.60 -6.07 31.97
N ASP A 471 -11.31 -7.04 32.83
CA ASP A 471 -11.51 -8.47 32.54
C ASP A 471 -10.73 -8.90 31.30
N GLN A 472 -11.08 -10.05 30.75
CA GLN A 472 -10.41 -10.59 29.57
C GLN A 472 -11.46 -11.11 28.59
N PHE A 473 -11.30 -10.75 27.32
CA PHE A 473 -12.19 -11.23 26.27
C PHE A 473 -11.66 -12.55 25.70
N PHE A 474 -12.57 -13.32 25.10
CA PHE A 474 -12.25 -14.62 24.55
C PHE A 474 -12.57 -14.65 23.06
N LEU A 475 -11.67 -15.27 22.29
CA LEU A 475 -11.87 -15.37 20.84
C LEU A 475 -13.06 -16.27 20.52
N SER A 476 -13.29 -17.31 21.32
CA SER A 476 -14.36 -18.28 21.08
C SER A 476 -15.76 -17.72 21.37
N THR A 477 -15.91 -16.41 21.62
CA THR A 477 -17.24 -15.86 21.83
C THR A 477 -18.09 -16.00 20.58
N PHE A 478 -17.52 -15.74 19.41
CA PHE A 478 -18.24 -15.90 18.15
C PHE A 478 -18.31 -17.38 17.79
N THR A 479 -19.51 -17.84 17.46
CA THR A 479 -19.68 -19.25 17.10
C THR A 479 -19.08 -19.56 15.74
N ILE A 480 -19.24 -18.64 14.77
CA ILE A 480 -18.72 -18.82 13.43
C ILE A 480 -18.01 -17.54 13.01
N ILE A 481 -16.84 -17.69 12.38
CA ILE A 481 -16.05 -16.56 11.91
C ILE A 481 -15.75 -16.77 10.43
N PHE A 482 -15.53 -15.66 9.72
CA PHE A 482 -15.22 -15.69 8.31
C PHE A 482 -13.97 -14.87 8.03
N PHE A 483 -13.11 -15.38 7.16
CA PHE A 483 -11.85 -14.74 6.81
C PHE A 483 -11.84 -14.47 5.30
N ASP A 484 -12.39 -13.31 4.92
CA ASP A 484 -12.37 -12.91 3.52
C ASP A 484 -10.95 -12.53 3.10
N GLU A 485 -10.55 -13.00 1.92
CA GLU A 485 -9.21 -12.75 1.39
C GLU A 485 -8.13 -13.22 2.37
N CYS A 486 -8.14 -14.53 2.62
CA CYS A 486 -7.24 -15.13 3.61
C CYS A 486 -5.86 -15.42 3.06
N HIS A 487 -5.59 -15.12 1.78
CA HIS A 487 -4.28 -15.38 1.19
C HIS A 487 -3.18 -14.52 1.77
N ASN A 488 -3.52 -13.47 2.52
CA ASN A 488 -2.54 -12.58 3.12
C ASN A 488 -2.09 -13.03 4.51
N THR A 489 -2.57 -14.17 4.98
CA THR A 489 -2.23 -14.66 6.33
C THR A 489 -0.83 -15.28 6.30
N VAL A 490 0.17 -14.41 6.19
CA VAL A 490 1.57 -14.81 6.20
C VAL A 490 2.33 -13.95 7.18
N LYS A 491 3.43 -14.50 7.70
CA LYS A 491 4.35 -13.79 8.60
C LYS A 491 3.58 -13.28 9.81
N ASN A 492 3.53 -11.98 10.06
CA ASN A 492 2.89 -11.43 11.25
C ASN A 492 1.70 -10.54 10.87
N SER A 493 0.88 -11.02 9.94
CA SER A 493 -0.31 -10.29 9.54
C SER A 493 -1.34 -10.31 10.65
N PRO A 494 -2.29 -9.36 10.65
CA PRO A 494 -3.36 -9.40 11.66
C PRO A 494 -4.15 -10.70 11.63
N TYR A 495 -4.36 -11.27 10.44
CA TYR A 495 -5.00 -12.58 10.36
C TYR A 495 -4.17 -13.64 11.07
N SER A 496 -2.85 -13.54 10.96
CA SER A 496 -1.97 -14.45 11.70
C SER A 496 -2.14 -14.26 13.21
N ASN A 497 -2.31 -13.02 13.65
CA ASN A 497 -2.55 -12.76 15.07
C ASN A 497 -3.86 -13.38 15.53
N ILE A 498 -4.91 -13.28 14.71
CA ILE A 498 -6.19 -13.89 15.05
C ILE A 498 -6.06 -15.41 15.10
N MET A 499 -5.28 -15.98 14.16
CA MET A 499 -5.03 -17.42 14.18
C MET A 499 -4.28 -17.82 15.45
N ARG A 500 -3.31 -16.99 15.88
CA ARG A 500 -2.59 -17.28 17.10
C ARG A 500 -3.51 -17.21 18.32
N GLU A 501 -4.44 -16.25 18.33
CA GLU A 501 -5.42 -16.20 19.41
C GLU A 501 -6.33 -17.42 19.41
N TYR A 502 -6.72 -17.88 18.22
CA TYR A 502 -7.53 -19.09 18.13
C TYR A 502 -6.75 -20.30 18.65
N HIS A 503 -5.46 -20.37 18.34
CA HIS A 503 -4.63 -21.44 18.87
C HIS A 503 -4.50 -21.35 20.38
N TYR A 504 -4.40 -20.12 20.92
CA TYR A 504 -4.42 -19.92 22.37
C TYR A 504 -5.70 -20.51 22.97
N LEU A 505 -6.85 -20.18 22.38
CA LEU A 505 -8.12 -20.67 22.90
C LEU A 505 -8.24 -22.19 22.79
N LYS A 506 -7.75 -22.76 21.69
CA LYS A 506 -7.88 -24.20 21.49
C LYS A 506 -6.96 -25.00 22.40
N ASN A 507 -5.70 -24.57 22.52
CA ASN A 507 -4.72 -25.35 23.28
C ASN A 507 -4.83 -25.09 24.77
N MET A 508 -4.65 -23.84 25.19
CA MET A 508 -4.69 -23.51 26.60
C MET A 508 -6.09 -23.67 27.15
N GLY A 509 -6.19 -24.14 28.39
CA GLY A 509 -7.47 -24.44 29.00
C GLY A 509 -8.13 -23.26 29.69
N ASN A 510 -8.51 -22.24 28.91
CA ASN A 510 -9.25 -21.09 29.41
C ASN A 510 -10.69 -21.07 28.91
N MET A 511 -11.22 -22.21 28.50
CA MET A 511 -12.60 -22.28 28.01
C MET A 511 -13.57 -22.07 29.16
N PRO A 512 -14.45 -21.07 29.09
CA PRO A 512 -15.41 -20.85 30.18
C PRO A 512 -16.68 -21.68 30.05
N GLU A 513 -16.97 -22.49 31.08
CA GLU A 513 -18.13 -23.38 31.12
C GLU A 513 -18.02 -24.31 29.93
N GLY A 514 -19.01 -24.34 29.02
CA GLY A 514 -18.98 -25.27 27.90
C GLY A 514 -18.74 -24.60 26.56
N HIS A 515 -17.80 -23.66 26.51
CA HIS A 515 -17.50 -23.00 25.25
C HIS A 515 -16.89 -23.99 24.25
N SER A 516 -17.28 -23.85 22.99
CA SER A 516 -16.81 -24.73 21.93
C SER A 516 -15.89 -23.98 20.97
N LEU A 517 -15.10 -24.74 20.23
CA LEU A 517 -14.18 -24.15 19.27
C LEU A 517 -14.95 -23.53 18.12
N PRO A 518 -14.71 -22.26 17.79
CA PRO A 518 -15.44 -21.65 16.68
C PRO A 518 -15.07 -22.26 15.34
N GLN A 519 -16.03 -22.22 14.41
CA GLN A 519 -15.83 -22.71 13.05
C GLN A 519 -15.53 -21.53 12.14
N ILE A 520 -14.48 -21.65 11.34
CA ILE A 520 -14.01 -20.57 10.47
C ILE A 520 -14.05 -21.04 9.02
N ILE A 521 -14.65 -20.22 8.16
CA ILE A 521 -14.72 -20.48 6.73
C ILE A 521 -13.78 -19.52 6.01
N GLY A 522 -12.91 -20.06 5.17
CA GLY A 522 -11.95 -19.27 4.44
C GLY A 522 -12.43 -19.02 3.02
N LEU A 523 -12.43 -17.74 2.63
CA LEU A 523 -12.83 -17.33 1.29
C LEU A 523 -11.71 -16.49 0.69
N THR A 524 -11.26 -16.86 -0.51
CA THR A 524 -10.23 -16.11 -1.20
C THR A 524 -10.30 -16.43 -2.69
N ALA A 525 -9.81 -15.49 -3.50
CA ALA A 525 -9.79 -15.69 -4.94
C ALA A 525 -8.75 -16.74 -5.34
N SER A 526 -7.57 -16.67 -4.74
CA SER A 526 -6.49 -17.60 -5.05
C SER A 526 -5.58 -17.72 -3.84
N LEU A 527 -5.06 -18.93 -3.61
CA LEU A 527 -4.18 -19.16 -2.46
C LEU A 527 -2.88 -18.38 -2.59
N GLY A 528 -2.30 -18.36 -3.78
CA GLY A 528 -1.06 -17.64 -4.01
C GLY A 528 0.15 -18.55 -4.15
N THR A 529 0.77 -18.53 -5.33
CA THR A 529 1.94 -19.38 -5.56
C THR A 529 3.11 -18.97 -4.68
N GLY A 530 3.38 -17.68 -4.58
CA GLY A 530 4.51 -17.19 -3.80
C GLY A 530 5.79 -17.15 -4.63
N ASP A 531 6.71 -18.07 -4.34
CA ASP A 531 7.95 -18.16 -5.09
C ASP A 531 8.34 -19.61 -5.40
N LYS A 532 7.44 -20.57 -5.22
CA LYS A 532 7.75 -21.96 -5.49
C LYS A 532 7.84 -22.22 -6.99
N ASN A 533 8.57 -23.26 -7.36
CA ASN A 533 8.79 -23.63 -8.75
C ASN A 533 8.00 -24.86 -9.17
N ASP A 534 8.15 -25.98 -8.45
CA ASP A 534 7.48 -27.21 -8.80
C ASP A 534 6.12 -27.32 -8.12
N CYS A 535 5.35 -28.32 -8.53
CA CYS A 535 4.01 -28.51 -7.97
C CYS A 535 4.06 -28.96 -6.52
N LEU A 536 5.06 -29.76 -6.15
CA LEU A 536 5.15 -30.26 -4.77
C LEU A 536 5.33 -29.11 -3.78
N GLN A 537 6.20 -28.15 -4.10
CA GLN A 537 6.42 -27.02 -3.20
C GLN A 537 5.18 -26.16 -3.08
N VAL A 538 4.47 -25.93 -4.20
CA VAL A 538 3.24 -25.15 -4.16
C VAL A 538 2.19 -25.84 -3.29
N ARG A 539 2.06 -27.17 -3.46
CA ARG A 539 1.11 -27.92 -2.64
C ARG A 539 1.48 -27.86 -1.17
N ASN A 540 2.78 -27.98 -0.86
CA ASN A 540 3.22 -27.90 0.53
C ASN A 540 2.93 -26.53 1.12
N TYR A 541 3.17 -25.46 0.36
CA TYR A 541 2.89 -24.12 0.84
C TYR A 541 1.40 -23.92 1.07
N ILE A 542 0.56 -24.41 0.14
CA ILE A 542 -0.89 -24.28 0.30
C ILE A 542 -1.36 -25.05 1.54
N ALA A 543 -0.83 -26.26 1.73
CA ALA A 543 -1.21 -27.05 2.89
C ALA A 543 -0.77 -26.39 4.20
N GLY A 544 0.43 -25.81 4.20
CA GLY A 544 0.88 -25.09 5.39
C GLY A 544 0.04 -23.87 5.69
N LEU A 545 -0.35 -23.12 4.65
CA LEU A 545 -1.23 -21.98 4.85
C LEU A 545 -2.58 -22.42 5.39
N CYS A 546 -3.11 -23.53 4.88
CA CYS A 546 -4.38 -24.04 5.39
C CYS A 546 -4.26 -24.48 6.84
N ALA A 547 -3.15 -25.13 7.18
CA ALA A 547 -2.93 -25.57 8.56
C ALA A 547 -2.76 -24.39 9.51
N SER A 548 -2.17 -23.30 9.02
CA SER A 548 -2.07 -22.09 9.85
C SER A 548 -3.44 -21.56 10.24
N MET A 549 -4.45 -21.80 9.42
CA MET A 549 -5.83 -21.46 9.74
C MET A 549 -6.62 -22.66 10.26
N ASP A 550 -5.94 -23.77 10.58
CA ASP A 550 -6.58 -24.98 11.09
C ASP A 550 -7.67 -25.48 10.14
N VAL A 551 -7.36 -25.47 8.85
CA VAL A 551 -8.29 -25.92 7.81
C VAL A 551 -7.71 -27.18 7.17
N LYS A 552 -8.51 -28.25 7.14
CA LYS A 552 -8.11 -29.52 6.57
C LYS A 552 -8.84 -29.87 5.28
N ASP A 553 -10.07 -29.43 5.11
CA ASP A 553 -10.86 -29.73 3.92
C ASP A 553 -10.88 -28.53 3.00
N LEU A 554 -10.79 -28.78 1.69
CA LEU A 554 -10.79 -27.74 0.68
C LEU A 554 -12.10 -27.79 -0.10
N SER A 555 -12.76 -26.64 -0.22
CA SER A 555 -14.03 -26.53 -0.94
C SER A 555 -13.73 -26.16 -2.38
N ILE A 556 -13.69 -27.15 -3.27
CA ILE A 556 -13.41 -26.95 -4.67
C ILE A 556 -14.53 -27.59 -5.48
N VAL A 557 -14.96 -26.90 -6.54
CA VAL A 557 -16.03 -27.40 -7.40
C VAL A 557 -15.58 -28.70 -8.07
N LYS A 558 -16.48 -29.68 -8.09
CA LYS A 558 -16.19 -30.99 -8.64
C LYS A 558 -16.92 -31.27 -9.94
N ASP A 559 -18.25 -31.14 -9.95
CA ASP A 559 -19.05 -31.46 -11.13
C ASP A 559 -19.86 -30.28 -11.65
N ASN A 560 -19.71 -29.10 -11.06
CA ASN A 560 -20.44 -27.91 -11.50
C ASN A 560 -19.52 -26.88 -12.15
N LEU A 561 -18.45 -27.35 -12.81
CA LEU A 561 -17.53 -26.43 -13.47
C LEU A 561 -18.17 -25.77 -14.68
N GLU A 562 -19.08 -26.46 -15.37
CA GLU A 562 -19.73 -25.88 -16.54
C GLU A 562 -20.58 -24.68 -16.16
N GLU A 563 -21.33 -24.79 -15.05
CA GLU A 563 -22.14 -23.66 -14.59
C GLU A 563 -21.28 -22.47 -14.21
N LEU A 564 -20.16 -22.72 -13.53
CA LEU A 564 -19.25 -21.63 -13.16
C LEU A 564 -18.66 -20.98 -14.39
N ARG A 565 -18.28 -21.77 -15.39
CA ARG A 565 -17.73 -21.20 -16.62
C ARG A 565 -18.78 -20.39 -17.36
N GLY A 566 -20.03 -20.86 -17.40
CA GLY A 566 -21.08 -20.11 -18.05
C GLY A 566 -21.40 -18.81 -17.35
N TYR A 567 -21.45 -18.84 -16.02
CA TYR A 567 -21.76 -17.62 -15.27
C TYR A 567 -20.55 -16.68 -15.23
N SER A 568 -19.34 -17.22 -15.28
CA SER A 568 -18.11 -16.43 -15.25
C SER A 568 -17.23 -16.84 -16.42
N PRO A 569 -17.50 -16.31 -17.61
CA PRO A 569 -16.69 -16.66 -18.78
C PRO A 569 -15.25 -16.19 -18.63
N ILE A 570 -14.33 -16.95 -19.23
CA ILE A 570 -12.92 -16.60 -19.15
C ILE A 570 -12.64 -15.37 -20.01
N VAL A 571 -11.57 -14.66 -19.66
CA VAL A 571 -11.16 -13.46 -20.39
C VAL A 571 -9.73 -13.65 -20.89
N PRO A 572 -9.51 -13.70 -22.20
CA PRO A 572 -8.14 -13.84 -22.72
C PRO A 572 -7.29 -12.64 -22.33
N ASP A 573 -6.01 -12.91 -22.09
CA ASP A 573 -5.04 -11.89 -21.70
C ASP A 573 -4.12 -11.65 -22.91
N LYS A 574 -4.53 -10.74 -23.78
CA LYS A 574 -3.73 -10.41 -24.94
C LYS A 574 -2.48 -9.62 -24.53
N VAL A 575 -1.37 -9.91 -25.19
CA VAL A 575 -0.09 -9.26 -24.92
C VAL A 575 0.29 -8.45 -26.16
N LEU A 576 0.51 -7.15 -25.97
CA LEU A 576 0.90 -6.26 -27.05
C LEU A 576 2.16 -5.52 -26.65
N LEU A 577 3.15 -5.51 -27.54
CA LEU A 577 4.43 -4.87 -27.29
C LEU A 577 4.69 -3.80 -28.34
N CYS A 578 5.18 -2.65 -27.89
CA CYS A 578 5.51 -1.54 -28.76
C CYS A 578 7.02 -1.28 -28.71
N GLU A 579 7.65 -1.24 -29.87
CA GLU A 579 9.08 -1.01 -29.95
C GLU A 579 9.41 0.45 -29.58
N ARG A 580 10.58 0.63 -28.99
CA ARG A 580 11.04 1.96 -28.61
C ARG A 580 11.83 2.60 -29.75
N SER A 581 11.69 3.91 -29.89
CA SER A 581 12.34 4.67 -30.95
C SER A 581 13.47 5.48 -30.35
N THR A 582 14.68 5.28 -30.86
CA THR A 582 15.85 6.01 -30.39
C THR A 582 16.04 7.34 -31.11
N ASP A 583 15.31 7.57 -32.20
CA ASP A 583 15.41 8.79 -32.99
C ASP A 583 14.13 9.61 -32.84
N GLY A 584 14.05 10.71 -33.58
CA GLY A 584 12.89 11.57 -33.55
C GLY A 584 12.93 12.54 -32.38
N PRO A 585 11.82 13.26 -32.16
CA PRO A 585 11.78 14.18 -31.01
C PRO A 585 11.97 13.48 -29.68
N ILE A 586 11.46 12.25 -29.53
CA ILE A 586 11.66 11.50 -28.29
C ILE A 586 13.14 11.19 -28.10
N GLY A 587 13.82 10.78 -29.17
CA GLY A 587 15.25 10.52 -29.08
C GLY A 587 16.04 11.77 -28.77
N MET A 588 15.65 12.91 -29.35
CA MET A 588 16.33 14.17 -29.08
C MET A 588 16.14 14.58 -27.62
N PHE A 589 14.92 14.39 -27.08
CA PHE A 589 14.67 14.66 -25.67
C PHE A 589 15.50 13.76 -24.78
N THR A 590 15.60 12.48 -25.12
CA THR A 590 16.42 11.55 -24.34
C THR A 590 17.89 11.94 -24.39
N ASN A 591 18.37 12.36 -25.56
CA ASN A 591 19.76 12.80 -25.68
C ASN A 591 20.02 14.04 -24.83
N ARG A 592 19.07 14.99 -24.83
CA ARG A 592 19.22 16.18 -24.01
C ARG A 592 19.24 15.83 -22.53
N LEU A 593 18.38 14.90 -22.11
CA LEU A 593 18.33 14.53 -20.70
C LEU A 593 19.58 13.75 -20.28
N THR A 594 20.14 12.95 -21.19
CA THR A 594 21.43 12.32 -20.90
C THR A 594 22.54 13.35 -20.83
N LEU A 595 22.48 14.39 -21.66
CA LEU A 595 23.44 15.48 -21.54
C LEU A 595 23.32 16.15 -20.18
N MET A 596 22.09 16.32 -19.70
CA MET A 596 21.89 16.85 -18.35
C MET A 596 22.46 15.89 -17.30
N MET A 597 22.28 14.58 -17.49
CA MET A 597 22.87 13.59 -16.61
C MET A 597 24.39 13.78 -16.51
N GLN A 598 25.06 13.86 -17.65
CA GLN A 598 26.51 14.04 -17.65
C GLN A 598 26.92 15.37 -17.06
N GLU A 599 26.16 16.44 -17.33
CA GLU A 599 26.49 17.74 -16.76
C GLU A 599 26.41 17.71 -15.23
N VAL A 600 25.34 17.12 -14.70
CA VAL A 600 25.18 17.04 -13.25
C VAL A 600 26.26 16.15 -12.64
N GLU A 601 26.59 15.05 -13.32
CA GLU A 601 27.65 14.17 -12.83
C GLU A 601 29.00 14.89 -12.80
N GLY A 602 29.29 15.69 -13.84
CA GLY A 602 30.52 16.46 -13.83
C GLY A 602 30.54 17.51 -12.73
N LEU A 603 29.41 18.17 -12.51
CA LEU A 603 29.33 19.14 -11.42
C LEU A 603 29.56 18.47 -10.08
N ILE A 604 28.98 17.29 -9.88
CA ILE A 604 29.22 16.53 -8.65
C ILE A 604 30.69 16.14 -8.54
N ARG A 605 31.33 15.81 -9.67
CA ARG A 605 32.73 15.46 -9.66
C ARG A 605 33.60 16.64 -9.20
N THR A 606 33.33 17.83 -9.73
CA THR A 606 34.08 19.01 -9.30
C THR A 606 33.79 19.33 -7.83
N ALA A 607 32.54 19.16 -7.39
CA ALA A 607 32.21 19.41 -5.99
C ALA A 607 32.98 18.46 -5.08
N LEU A 608 33.07 17.18 -5.45
CA LEU A 608 33.83 16.22 -4.66
C LEU A 608 35.32 16.53 -4.69
N ARG A 609 35.83 16.97 -5.85
CA ARG A 609 37.23 17.34 -5.95
C ARG A 609 37.56 18.52 -5.05
N ASN A 610 36.64 19.48 -4.95
CA ASN A 610 36.84 20.60 -4.04
C ASN A 610 36.89 20.14 -2.59
N GLU A 611 36.22 19.03 -2.27
CA GLU A 611 36.25 18.46 -0.92
C GLU A 611 37.48 17.61 -0.67
N HIS A 612 38.30 17.36 -1.69
CA HIS A 612 39.50 16.54 -1.57
C HIS A 612 39.18 15.14 -1.03
N ILE A 613 38.10 14.55 -1.52
CA ILE A 613 37.67 13.22 -1.13
C ILE A 613 37.86 12.29 -2.32
N GLY A 614 38.60 11.21 -2.11
CA GLY A 614 38.87 10.24 -3.17
C GLY A 614 37.93 9.05 -3.14
N SER A 633 33.37 5.41 0.58
CA SER A 633 33.78 6.06 -0.67
C SER A 633 32.62 6.11 -1.66
N PHE A 634 32.56 7.18 -2.44
CA PHE A 634 31.50 7.34 -3.42
C PHE A 634 31.69 6.35 -4.58
N LEU A 635 30.56 5.92 -5.14
CA LEU A 635 30.55 4.96 -6.24
C LEU A 635 30.22 5.68 -7.54
N ASP A 636 30.84 5.24 -8.62
CA ASP A 636 30.60 5.86 -9.92
C ASP A 636 29.16 5.57 -10.37
N PRO A 637 28.50 6.54 -11.02
CA PRO A 637 27.14 6.30 -11.46
C PRO A 637 27.09 5.27 -12.56
N PRO A 638 26.01 4.50 -12.66
CA PRO A 638 25.89 3.52 -13.75
C PRO A 638 25.75 4.22 -15.10
N ALA A 639 26.18 3.51 -16.14
CA ALA A 639 26.11 4.07 -17.50
C ALA A 639 24.67 4.30 -17.92
N ASP A 640 23.78 3.37 -17.61
CA ASP A 640 22.38 3.51 -17.99
C ASP A 640 21.71 4.56 -17.11
N LYS A 641 20.99 5.49 -17.75
CA LYS A 641 20.30 6.56 -17.05
C LYS A 641 18.80 6.34 -16.95
N GLU A 642 18.29 5.24 -17.49
CA GLU A 642 16.86 4.95 -17.45
C GLU A 642 16.49 3.83 -16.49
N HIS A 643 17.42 2.93 -16.17
CA HIS A 643 17.13 1.84 -15.25
C HIS A 643 17.04 2.35 -13.82
N ALA A 644 16.41 1.53 -12.96
CA ALA A 644 16.29 1.87 -11.54
C ALA A 644 17.63 1.85 -10.81
N GLY A 645 18.67 1.31 -11.44
CA GLY A 645 19.98 1.32 -10.81
C GLY A 645 20.50 2.72 -10.54
N TYR A 646 20.22 3.66 -11.46
CA TYR A 646 20.62 5.04 -11.25
C TYR A 646 19.94 5.64 -10.02
N GLN A 647 18.62 5.40 -9.88
CA GLN A 647 17.91 5.90 -8.72
C GLN A 647 18.42 5.26 -7.43
N ASN A 648 18.70 3.95 -7.47
CA ASN A 648 19.24 3.27 -6.29
C ASN A 648 20.59 3.85 -5.91
N TRP A 649 21.46 4.10 -6.89
CA TRP A 649 22.76 4.69 -6.61
C TRP A 649 22.62 6.09 -6.05
N VAL A 650 21.68 6.89 -6.58
CA VAL A 650 21.46 8.24 -6.07
C VAL A 650 21.01 8.18 -4.62
N CYS A 651 20.06 7.28 -4.31
CA CYS A 651 19.58 7.15 -2.95
C CYS A 651 20.68 6.69 -2.00
N ASN A 652 21.51 5.73 -2.45
CA ASN A 652 22.61 5.26 -1.62
C ASN A 652 23.61 6.38 -1.35
N GLN A 653 23.94 7.17 -2.39
CA GLN A 653 24.87 8.29 -2.20
C GLN A 653 24.30 9.31 -1.24
N MET A 654 23.00 9.60 -1.35
CA MET A 654 22.37 10.51 -0.40
C MET A 654 22.43 9.96 1.01
N ASN A 655 22.23 8.65 1.18
CA ASN A 655 22.30 8.04 2.50
C ASN A 655 23.72 8.17 3.09
N LEU A 656 24.74 7.92 2.28
CA LEU A 656 26.11 8.07 2.77
C LEU A 656 26.42 9.54 3.10
N VAL A 657 25.93 10.47 2.28
CA VAL A 657 26.17 11.88 2.52
C VAL A 657 25.53 12.30 3.84
N SER A 658 24.29 11.85 4.09
CA SER A 658 23.64 12.15 5.36
C SER A 658 24.37 11.50 6.52
N GLY A 659 24.94 10.32 6.31
CA GLY A 659 25.67 9.61 7.34
C GLY A 659 27.11 10.00 7.52
N THR A 660 27.60 10.97 6.75
CA THR A 660 28.98 11.43 6.84
C THR A 660 28.99 12.94 7.11
N SER A 661 30.20 13.46 7.37
CA SER A 661 30.41 14.87 7.65
C SER A 661 31.35 15.46 6.61
N PHE A 662 31.11 16.73 6.26
CA PHE A 662 31.90 17.45 5.28
C PHE A 662 32.56 18.65 5.92
N ARG A 663 33.76 18.97 5.45
CA ARG A 663 34.50 20.13 5.97
C ARG A 663 33.76 21.43 5.66
N GLU A 664 33.20 21.55 4.46
CA GLU A 664 32.49 22.74 4.03
C GLU A 664 30.99 22.51 4.15
N THR A 665 30.30 23.46 4.78
CA THR A 665 28.86 23.32 4.98
C THR A 665 28.11 23.36 3.65
N GLY A 666 28.51 24.25 2.74
CA GLY A 666 27.80 24.40 1.47
C GLY A 666 27.96 23.22 0.54
N THR A 667 29.05 22.47 0.67
CA THR A 667 29.26 21.31 -0.21
C THR A 667 28.18 20.26 0.00
N ARG A 668 27.80 20.00 1.26
CA ARG A 668 26.74 19.05 1.53
C ARG A 668 25.41 19.48 0.93
N THR A 669 25.09 20.77 1.06
CA THR A 669 23.86 21.30 0.47
C THR A 669 23.88 21.16 -1.05
N ILE A 670 25.02 21.48 -1.68
CA ILE A 670 25.12 21.35 -3.13
C ILE A 670 24.95 19.90 -3.56
N ILE A 671 25.57 18.97 -2.82
CA ILE A 671 25.46 17.55 -3.16
C ILE A 671 24.02 17.08 -3.01
N ASN A 672 23.34 17.50 -1.94
CA ASN A 672 21.95 17.11 -1.74
C ASN A 672 21.05 17.67 -2.84
N GLU A 673 21.28 18.93 -3.23
CA GLU A 673 20.51 19.51 -4.32
C GLU A 673 20.74 18.75 -5.63
N ALA A 674 22.00 18.40 -5.90
CA ALA A 674 22.30 17.63 -7.10
C ALA A 674 21.62 16.28 -7.09
N LEU A 675 21.63 15.61 -5.92
CA LEU A 675 20.96 14.30 -5.82
C LEU A 675 19.46 14.43 -6.03
N ASP A 676 18.85 15.47 -5.47
CA ASP A 676 17.42 15.67 -5.66
C ASP A 676 17.08 15.95 -7.12
N VAL A 677 17.90 16.76 -7.79
CA VAL A 677 17.67 17.06 -9.20
C VAL A 677 17.88 15.81 -10.04
N LEU A 678 18.86 14.98 -9.68
CA LEU A 678 19.07 13.71 -10.38
C LEU A 678 17.86 12.80 -10.23
N LYS A 679 17.28 12.73 -9.03
CA LYS A 679 16.09 11.92 -8.82
C LYS A 679 14.91 12.44 -9.65
N GLU A 680 14.73 13.77 -9.68
CA GLU A 680 13.65 14.34 -10.46
C GLU A 680 13.85 14.09 -11.95
N CYS A 681 15.09 14.20 -12.42
CA CYS A 681 15.37 13.98 -13.83
C CYS A 681 15.21 12.50 -14.20
N PHE A 682 15.53 11.59 -13.29
CA PHE A 682 15.24 10.18 -13.53
C PHE A 682 13.74 9.93 -13.60
N CYS A 683 12.97 10.58 -12.73
CA CYS A 683 11.52 10.45 -12.77
C CYS A 683 10.96 10.95 -14.10
N THR A 684 11.45 12.10 -14.57
CA THR A 684 10.96 12.62 -15.84
C THR A 684 11.47 11.82 -17.02
N LEU A 685 12.63 11.16 -16.90
CA LEU A 685 13.05 10.19 -17.90
C LEU A 685 12.10 9.01 -17.97
N SER A 686 11.68 8.50 -16.82
CA SER A 686 10.71 7.41 -16.83
C SER A 686 9.38 7.87 -17.45
N TYR A 687 8.96 9.09 -17.12
CA TYR A 687 7.73 9.62 -17.71
C TYR A 687 7.83 9.75 -19.22
N ASN A 688 8.97 10.26 -19.71
CA ASN A 688 9.17 10.41 -21.15
C ASN A 688 9.28 9.05 -21.84
N ILE A 689 9.80 8.05 -21.15
CA ILE A 689 9.81 6.69 -21.72
C ILE A 689 8.38 6.17 -21.82
N ASN A 690 7.59 6.35 -20.77
CA ASN A 690 6.22 5.82 -20.76
C ASN A 690 5.29 6.63 -21.65
N PHE A 691 5.42 7.96 -21.66
CA PHE A 691 4.47 8.81 -22.39
C PHE A 691 5.20 9.75 -23.34
N HIS A 692 4.46 10.70 -23.92
CA HIS A 692 5.07 11.67 -24.81
C HIS A 692 5.91 12.66 -24.02
N PRO A 693 6.86 13.34 -24.67
CA PRO A 693 7.74 14.27 -23.94
C PRO A 693 7.02 15.46 -23.34
N GLU A 694 5.78 15.75 -23.76
CA GLU A 694 5.09 16.94 -23.27
C GLU A 694 4.85 16.88 -21.77
N VAL A 695 4.35 15.74 -21.28
CA VAL A 695 4.04 15.62 -19.85
C VAL A 695 5.31 15.62 -19.02
N ALA A 696 6.37 14.97 -19.51
CA ALA A 696 7.64 14.99 -18.80
C ALA A 696 8.20 16.40 -18.72
N LEU A 697 8.11 17.16 -19.82
CA LEU A 697 8.59 18.54 -19.82
C LEU A 697 7.77 19.39 -18.86
N ASN A 698 6.45 19.20 -18.84
CA ASN A 698 5.62 19.96 -17.91
C ASN A 698 5.95 19.64 -16.46
N TYR A 699 6.15 18.35 -16.15
CA TYR A 699 6.50 17.97 -14.79
C TYR A 699 7.83 18.56 -14.37
N LEU A 700 8.83 18.48 -15.26
CA LEU A 700 10.13 19.08 -14.97
C LEU A 700 10.00 20.58 -14.77
N LYS A 701 9.22 21.25 -15.61
CA LYS A 701 9.07 22.70 -15.50
C LYS A 701 8.44 23.09 -14.17
N ASP A 702 7.35 22.40 -13.77
CA ASP A 702 6.69 22.77 -12.53
C ASP A 702 7.56 22.46 -11.32
N GLU A 703 8.23 21.31 -11.31
CA GLU A 703 9.12 20.98 -10.20
C GLU A 703 10.27 21.97 -10.09
N MET A 704 10.86 22.34 -11.23
CA MET A 704 11.98 23.28 -11.22
C MET A 704 11.53 24.67 -10.79
N GLU A 705 10.36 25.11 -11.23
CA GLU A 705 9.85 26.42 -10.81
C GLU A 705 9.45 26.40 -9.34
N TYR A 706 9.09 25.23 -8.80
CA TYR A 706 8.81 25.13 -7.37
C TYR A 706 10.09 25.21 -6.55
N ARG A 707 11.16 24.57 -7.02
CA ARG A 707 12.42 24.53 -6.28
C ARG A 707 13.35 25.69 -6.61
N THR A 708 12.97 26.57 -7.55
CA THR A 708 13.84 27.67 -7.96
C THR A 708 14.28 28.59 -6.82
N PRO A 709 13.40 29.06 -5.90
CA PRO A 709 13.83 30.09 -4.94
C PRO A 709 14.94 29.64 -3.98
N ASN A 710 15.43 28.42 -4.12
CA ASN A 710 16.48 27.87 -3.27
C ASN A 710 17.60 27.27 -4.11
N PHE A 711 18.04 28.01 -5.12
CA PHE A 711 19.07 27.54 -6.04
C PHE A 711 20.13 28.62 -6.24
N THR A 712 21.30 28.18 -6.68
CA THR A 712 22.40 29.09 -7.00
C THR A 712 22.24 29.63 -8.42
N VAL A 713 23.07 30.62 -8.75
CA VAL A 713 22.96 31.30 -10.05
C VAL A 713 23.32 30.36 -11.19
N ASN A 714 24.41 29.60 -11.03
CA ASN A 714 24.88 28.75 -12.11
C ASN A 714 23.85 27.68 -12.46
N MET A 715 23.25 27.06 -11.44
CA MET A 715 22.22 26.06 -11.70
C MET A 715 20.99 26.70 -12.34
N ILE A 716 20.70 27.95 -11.99
CA ILE A 716 19.58 28.67 -12.61
C ILE A 716 19.84 28.83 -14.11
N ARG A 717 21.04 29.29 -14.47
CA ARG A 717 21.37 29.44 -15.89
C ARG A 717 21.36 28.10 -16.61
N ILE A 718 21.86 27.05 -15.97
CA ILE A 718 21.88 25.72 -16.58
C ILE A 718 20.46 25.25 -16.85
N TRP A 719 19.57 25.41 -15.86
CA TRP A 719 18.18 25.00 -16.04
C TRP A 719 17.50 25.82 -17.12
N GLU A 720 17.76 27.14 -17.17
CA GLU A 720 17.15 27.97 -18.20
C GLU A 720 17.59 27.55 -19.59
N ARG A 721 18.89 27.27 -19.75
CA ARG A 721 19.38 26.82 -21.05
C ARG A 721 18.77 25.47 -21.45
N TYR A 722 18.70 24.53 -20.50
CA TYR A 722 18.13 23.22 -20.80
C TYR A 722 16.65 23.33 -21.13
N HIS A 723 15.92 24.19 -20.41
CA HIS A 723 14.50 24.38 -20.69
C HIS A 723 14.29 25.01 -22.06
N ASN A 724 15.15 25.97 -22.44
CA ASN A 724 15.05 26.56 -23.77
C ASN A 724 15.31 25.50 -24.84
N GLN A 725 16.32 24.64 -24.63
CA GLN A 725 16.60 23.59 -25.60
C GLN A 725 15.43 22.61 -25.70
N LEU A 726 14.83 22.24 -24.57
CA LEU A 726 13.70 21.32 -24.58
C LEU A 726 12.48 21.96 -25.24
N VAL A 727 12.28 23.27 -25.05
CA VAL A 727 11.20 23.95 -25.76
C VAL A 727 11.45 23.94 -27.25
N GLY A 728 12.69 24.19 -27.67
CA GLY A 728 13.03 24.11 -29.09
C GLY A 728 13.00 22.71 -29.65
N THR A 729 13.00 21.69 -28.79
CA THR A 729 12.94 20.31 -29.25
C THR A 729 11.64 20.04 -30.02
N GLY A 730 10.51 20.44 -29.46
CA GLY A 730 9.23 20.18 -30.09
C GLY A 730 8.36 19.21 -29.31
N SER A 731 7.68 18.31 -30.03
CA SER A 731 6.81 17.34 -29.40
C SER A 731 6.65 16.13 -30.31
N ALA A 732 6.18 15.03 -29.73
CA ALA A 732 5.95 13.80 -30.47
C ALA A 732 4.85 13.00 -29.78
N GLU A 733 4.55 11.84 -30.33
CA GLU A 733 3.52 10.95 -29.78
C GLU A 733 4.10 9.56 -29.58
N ASN A 734 3.72 8.93 -28.47
CA ASN A 734 4.18 7.58 -28.15
C ASN A 734 3.29 6.54 -28.82
N PRO A 735 3.88 5.47 -29.37
CA PRO A 735 3.06 4.43 -29.99
C PRO A 735 2.08 3.77 -29.04
N MET A 736 2.44 3.63 -27.77
CA MET A 736 1.53 3.01 -26.80
C MET A 736 0.28 3.84 -26.60
N ILE A 737 0.43 5.17 -26.54
CA ILE A 737 -0.73 6.04 -26.38
C ILE A 737 -1.63 5.94 -27.61
N SER A 738 -1.04 5.91 -28.80
CA SER A 738 -1.84 5.78 -30.02
C SER A 738 -2.58 4.44 -30.05
N LYS A 739 -1.91 3.36 -29.65
CA LYS A 739 -2.57 2.05 -29.62
C LYS A 739 -3.72 2.03 -28.62
N THR A 740 -3.51 2.62 -27.43
CA THR A 740 -4.57 2.68 -26.44
C THR A 740 -5.75 3.51 -26.94
N VAL A 741 -5.47 4.63 -27.60
CA VAL A 741 -6.54 5.47 -28.15
C VAL A 741 -7.31 4.70 -29.22
N GLN A 742 -6.60 4.00 -30.11
CA GLN A 742 -7.26 3.22 -31.14
C GLN A 742 -8.14 2.13 -30.55
N TYR A 743 -7.63 1.45 -29.50
CA TYR A 743 -8.45 0.46 -28.82
C TYR A 743 -9.69 1.07 -28.19
N ILE A 744 -9.55 2.27 -27.62
CA ILE A 744 -10.69 2.94 -27.00
C ILE A 744 -11.75 3.27 -28.05
N VAL A 745 -11.33 3.81 -29.19
CA VAL A 745 -12.30 4.12 -30.25
C VAL A 745 -12.93 2.83 -30.80
N GLU A 746 -12.14 1.76 -30.90
CA GLU A 746 -12.71 0.49 -31.36
C GLU A 746 -13.77 -0.03 -30.38
N GLN A 747 -13.50 0.06 -29.08
CA GLN A 747 -14.48 -0.35 -28.09
C GLN A 747 -15.73 0.53 -28.14
N ASN A 748 -15.55 1.84 -28.33
CA ASN A 748 -16.68 2.73 -28.45
C ASN A 748 -17.52 2.39 -29.68
N LEU A 749 -16.86 2.02 -30.78
CA LEU A 749 -17.59 1.60 -31.96
C LEU A 749 -18.35 0.30 -31.73
N GLN A 750 -17.74 -0.63 -30.97
CA GLN A 750 -18.41 -1.91 -30.69
C GLN A 750 -19.68 -1.69 -29.88
N ARG A 751 -19.63 -0.83 -28.87
CA ARG A 751 -20.80 -0.55 -28.04
C ARG A 751 -20.67 0.85 -27.46
N ALA A 752 -21.81 1.49 -27.25
CA ALA A 752 -21.82 2.87 -26.74
C ALA A 752 -21.62 2.94 -25.23
N ASP A 753 -21.76 1.83 -24.52
CA ASP A 753 -21.56 1.79 -23.07
C ASP A 753 -20.20 1.22 -22.70
N SER A 754 -19.18 1.47 -23.51
CA SER A 754 -17.86 0.95 -23.24
C SER A 754 -17.26 1.60 -22.00
N ARG A 755 -16.67 0.77 -21.14
CA ARG A 755 -15.99 1.23 -19.94
C ARG A 755 -14.58 0.65 -19.91
N THR A 756 -13.60 1.50 -19.68
CA THR A 756 -12.19 1.12 -19.74
C THR A 756 -11.52 1.43 -18.41
N ILE A 757 -10.79 0.45 -17.87
CA ILE A 757 -10.02 0.62 -16.64
C ILE A 757 -8.55 0.41 -16.98
N ILE A 758 -7.72 1.37 -16.58
CA ILE A 758 -6.29 1.37 -16.90
C ILE A 758 -5.51 1.31 -15.59
N PHE A 759 -4.54 0.39 -15.53
CA PHE A 759 -3.69 0.22 -14.37
C PHE A 759 -2.31 0.79 -14.66
N VAL A 760 -1.79 1.57 -13.71
CA VAL A 760 -0.51 2.25 -13.85
C VAL A 760 0.35 1.94 -12.63
N ARG A 761 1.59 2.43 -12.67
CA ARG A 761 2.54 2.15 -11.60
C ARG A 761 2.35 3.08 -10.42
N THR A 762 2.50 4.39 -10.63
CA THR A 762 2.47 5.37 -9.57
C THR A 762 1.26 6.29 -9.70
N ARG A 763 0.98 7.01 -8.62
CA ARG A 763 -0.12 7.99 -8.64
C ARG A 763 0.18 9.13 -9.59
N TYR A 764 1.43 9.59 -9.63
CA TYR A 764 1.83 10.59 -10.62
C TYR A 764 1.68 10.04 -12.03
N GLU A 765 2.00 8.76 -12.23
CA GLU A 765 1.75 8.12 -13.51
C GLU A 765 0.27 8.12 -13.85
N ALA A 766 -0.59 7.89 -12.85
CA ALA A 766 -2.03 7.93 -13.08
C ALA A 766 -2.48 9.32 -13.50
N THR A 767 -1.97 10.36 -12.82
CA THR A 767 -2.33 11.72 -13.19
C THR A 767 -1.86 12.06 -14.60
N ILE A 768 -0.64 11.63 -14.95
CA ILE A 768 -0.11 11.90 -16.28
C ILE A 768 -0.94 11.19 -17.35
N LEU A 769 -1.32 9.93 -17.09
CA LEU A 769 -2.13 9.18 -18.05
C LEU A 769 -3.50 9.82 -18.21
N ASN A 770 -4.10 10.27 -17.10
CA ASN A 770 -5.40 10.94 -17.18
C ASN A 770 -5.30 12.24 -17.98
N LYS A 771 -4.25 13.02 -17.74
CA LYS A 771 -4.06 14.26 -18.50
C LYS A 771 -3.86 13.98 -19.97
N VAL A 772 -3.08 12.94 -20.30
CA VAL A 772 -2.84 12.59 -21.70
C VAL A 772 -4.14 12.17 -22.38
N LEU A 773 -4.93 11.33 -21.70
CA LEU A 773 -6.18 10.86 -22.29
C LEU A 773 -7.18 11.99 -22.44
N ASN A 774 -7.22 12.92 -21.50
CA ASN A 774 -8.15 14.05 -21.57
C ASN A 774 -7.69 15.14 -22.53
N SER A 775 -6.43 15.11 -22.97
CA SER A 775 -5.90 16.12 -23.87
C SER A 775 -6.06 15.76 -25.34
N ASN A 776 -6.56 14.56 -25.64
CA ASN A 776 -6.74 14.13 -27.03
C ASN A 776 -8.09 14.58 -27.54
N GLU A 777 -8.08 15.28 -28.68
CA GLU A 777 -9.32 15.75 -29.28
C GLU A 777 -10.14 14.64 -29.91
N GLU A 778 -9.50 13.52 -30.28
CA GLU A 778 -10.22 12.42 -30.91
C GLU A 778 -11.27 11.84 -29.96
N LEU A 779 -10.90 11.65 -28.70
CA LEU A 779 -11.87 11.16 -27.72
C LEU A 779 -12.84 12.26 -27.28
N LEU A 780 -12.37 13.51 -27.21
CA LEU A 780 -13.25 14.60 -26.83
C LEU A 780 -14.30 14.90 -27.90
N MET A 781 -14.09 14.46 -29.13
CA MET A 781 -15.10 14.65 -30.17
C MET A 781 -16.39 13.91 -29.83
N LEU A 782 -16.28 12.70 -29.30
CA LEU A 782 -17.43 11.91 -28.89
C LEU A 782 -17.84 12.16 -27.44
N GLY A 783 -17.09 12.99 -26.72
CA GLY A 783 -17.42 13.28 -25.33
C GLY A 783 -17.01 12.18 -24.39
N ILE A 784 -15.72 11.86 -24.34
CA ILE A 784 -15.18 10.81 -23.48
C ILE A 784 -14.18 11.45 -22.52
N LYS A 785 -14.35 11.19 -21.23
CA LYS A 785 -13.51 11.75 -20.18
C LYS A 785 -12.75 10.64 -19.47
N SER A 786 -12.02 11.01 -18.43
CA SER A 786 -11.22 10.08 -17.65
C SER A 786 -11.11 10.56 -16.22
N GLU A 787 -10.52 9.73 -15.37
CA GLU A 787 -10.36 10.03 -13.96
C GLU A 787 -8.95 9.61 -13.53
N TRP A 788 -8.66 9.82 -12.25
CA TRP A 788 -7.35 9.54 -11.67
C TRP A 788 -7.50 8.75 -10.37
N MET A 789 -8.30 7.69 -10.44
CA MET A 789 -8.58 6.85 -9.27
C MET A 789 -7.30 6.34 -8.63
N SER A 790 -7.21 6.46 -7.31
CA SER A 790 -6.03 6.05 -6.57
C SER A 790 -6.49 5.40 -5.27
N GLY A 791 -5.53 5.19 -4.35
CA GLY A 791 -5.81 4.56 -3.08
C GLY A 791 -5.90 5.57 -1.96
N LEU A 792 -6.55 5.18 -0.86
CA LEU A 792 -6.75 6.07 0.27
C LEU A 792 -5.52 6.22 1.15
N ASN A 793 -4.47 5.42 0.91
CA ASN A 793 -3.27 5.52 1.73
C ASN A 793 -2.60 6.88 1.57
N LYS A 794 -2.18 7.46 2.69
CA LYS A 794 -1.53 8.77 2.70
C LYS A 794 -0.06 8.67 3.08
N SER A 795 0.45 7.46 3.30
CA SER A 795 1.84 7.24 3.65
C SER A 795 2.52 6.55 2.48
N THR A 796 2.93 7.35 1.50
CA THR A 796 3.64 6.83 0.33
C THR A 796 4.77 7.75 -0.12
N ALA A 797 5.05 8.83 0.63
CA ALA A 797 6.05 9.85 0.32
C ALA A 797 5.72 10.62 -0.95
N SER A 798 4.50 10.47 -1.49
CA SER A 798 4.05 11.22 -2.66
C SER A 798 2.62 11.67 -2.46
N SER A 799 2.27 12.06 -1.25
CA SER A 799 0.90 12.47 -0.91
C SER A 799 0.68 13.97 -1.00
N ALA A 800 1.69 14.73 -1.42
CA ALA A 800 1.53 16.18 -1.53
C ALA A 800 0.49 16.53 -2.60
N ASP A 801 0.53 15.86 -3.74
CA ASP A 801 -0.40 16.10 -4.82
C ASP A 801 -1.64 15.22 -4.76
N ILE A 802 -1.71 14.30 -3.80
CA ILE A 802 -2.79 13.33 -3.70
C ILE A 802 -3.71 13.73 -2.57
N SER A 803 -5.01 13.79 -2.84
CA SER A 803 -6.01 14.06 -1.82
C SER A 803 -6.56 12.76 -1.23
N ALA A 804 -7.08 11.87 -2.09
CA ALA A 804 -7.55 10.55 -1.69
C ALA A 804 -8.62 10.63 -0.60
N SER A 805 -9.53 11.59 -0.73
CA SER A 805 -10.62 11.72 0.21
C SER A 805 -11.64 10.61 0.03
N LYS A 806 -12.24 10.18 1.14
CA LYS A 806 -13.25 9.14 1.09
C LYS A 806 -14.46 9.59 0.28
N GLN A 807 -14.95 10.79 0.56
CA GLN A 807 -16.08 11.33 -0.19
C GLN A 807 -15.72 11.54 -1.65
N LYS A 808 -14.49 12.00 -1.92
CA LYS A 808 -14.05 12.17 -3.30
C LYS A 808 -14.01 10.83 -4.02
N GLN A 809 -13.51 9.79 -3.37
CA GLN A 809 -13.48 8.46 -3.98
C GLN A 809 -14.88 7.94 -4.25
N MET A 810 -15.80 8.15 -3.30
CA MET A 810 -17.18 7.73 -3.51
C MET A 810 -17.81 8.48 -4.68
N GLU A 811 -17.53 9.79 -4.78
CA GLU A 811 -18.07 10.57 -5.89
C GLU A 811 -17.50 10.09 -7.22
N LYS A 812 -16.20 9.76 -7.26
CA LYS A 812 -15.60 9.24 -8.49
C LYS A 812 -16.24 7.92 -8.89
N LEU A 813 -16.46 7.03 -7.93
CA LEU A 813 -17.12 5.77 -8.23
C LEU A 813 -18.54 6.02 -8.75
N LYS A 814 -19.25 6.98 -8.14
CA LYS A 814 -20.60 7.30 -8.57
C LYS A 814 -20.63 7.82 -10.00
N MET A 815 -19.71 8.72 -10.37
CA MET A 815 -19.74 9.26 -11.72
C MET A 815 -19.31 8.21 -12.74
N PHE A 816 -18.39 7.32 -12.38
CA PHE A 816 -18.05 6.23 -13.30
C PHE A 816 -19.26 5.32 -13.49
N ALA A 817 -19.97 4.99 -12.40
CA ALA A 817 -21.15 4.14 -12.50
C ALA A 817 -22.26 4.80 -13.32
N ASP A 818 -22.41 6.12 -13.21
CA ASP A 818 -23.43 6.83 -13.98
C ASP A 818 -23.04 6.94 -15.46
N GLY A 819 -21.78 6.71 -15.80
CA GLY A 819 -21.33 6.78 -17.18
C GLY A 819 -20.63 8.08 -17.56
N GLU A 820 -20.50 9.03 -16.63
CA GLU A 820 -19.84 10.29 -16.95
C GLU A 820 -18.37 10.07 -17.27
N ILE A 821 -17.71 9.17 -16.54
CA ILE A 821 -16.29 8.86 -16.74
C ILE A 821 -16.19 7.46 -17.32
N ARG A 822 -15.46 7.32 -18.42
CA ARG A 822 -15.30 6.03 -19.10
C ARG A 822 -13.95 5.38 -18.82
N ILE A 823 -12.87 6.15 -18.89
CA ILE A 823 -11.53 5.63 -18.62
C ILE A 823 -11.25 5.79 -17.14
N LEU A 824 -10.83 4.71 -16.49
CA LEU A 824 -10.42 4.71 -15.09
C LEU A 824 -8.93 4.40 -15.01
N VAL A 825 -8.12 5.41 -14.68
CA VAL A 825 -6.70 5.21 -14.44
C VAL A 825 -6.59 4.87 -12.95
N SER A 826 -6.85 3.60 -12.63
CA SER A 826 -6.92 3.13 -11.25
C SER A 826 -5.71 2.29 -10.91
N THR A 827 -5.26 2.42 -9.67
CA THR A 827 -4.09 1.70 -9.19
C THR A 827 -4.58 0.33 -8.69
N SER A 828 -3.71 -0.44 -8.02
CA SER A 828 -4.06 -1.78 -7.55
C SER A 828 -5.13 -1.78 -6.46
N VAL A 829 -5.47 -0.61 -5.91
CA VAL A 829 -6.51 -0.55 -4.88
C VAL A 829 -7.83 -1.06 -5.41
N ALA A 830 -8.17 -0.71 -6.66
CA ALA A 830 -9.43 -1.12 -7.25
C ALA A 830 -9.51 -2.62 -7.54
N GLU A 831 -8.38 -3.34 -7.44
CA GLU A 831 -8.41 -4.77 -7.73
C GLU A 831 -9.26 -5.52 -6.71
N GLU A 832 -9.11 -5.20 -5.43
CA GLU A 832 -9.84 -5.89 -4.37
C GLU A 832 -10.41 -4.89 -3.39
N GLY A 833 -11.56 -5.25 -2.82
CA GLY A 833 -12.19 -4.43 -1.80
C GLY A 833 -12.90 -3.19 -2.31
N LEU A 834 -13.02 -3.02 -3.63
CA LEU A 834 -13.64 -1.85 -4.22
C LEU A 834 -14.88 -2.26 -5.00
N ASP A 835 -15.94 -1.46 -4.90
CA ASP A 835 -17.19 -1.72 -5.61
C ASP A 835 -17.10 -1.19 -7.04
N VAL A 836 -16.15 -1.74 -7.78
CA VAL A 836 -15.93 -1.34 -9.18
C VAL A 836 -17.02 -1.98 -10.04
N PRO A 837 -17.76 -1.21 -10.84
CA PRO A 837 -18.79 -1.81 -11.70
C PRO A 837 -18.19 -2.59 -12.85
N GLU A 838 -19.05 -3.14 -13.71
CA GLU A 838 -18.58 -3.91 -14.86
C GLU A 838 -17.76 -3.03 -15.81
N CYS A 839 -16.62 -3.56 -16.23
CA CYS A 839 -15.72 -2.85 -17.14
C CYS A 839 -15.59 -3.65 -18.43
N SER A 840 -15.72 -2.96 -19.56
CA SER A 840 -15.67 -3.60 -20.87
C SER A 840 -14.26 -3.72 -21.44
N LEU A 841 -13.27 -3.13 -20.79
CA LEU A 841 -11.90 -3.18 -21.29
C LEU A 841 -10.94 -2.97 -20.13
N VAL A 842 -9.99 -3.87 -19.96
CA VAL A 842 -8.96 -3.79 -18.92
C VAL A 842 -7.61 -3.67 -19.62
N ILE A 843 -6.87 -2.61 -19.30
CA ILE A 843 -5.57 -2.34 -19.90
C ILE A 843 -4.55 -2.15 -18.79
N LYS A 844 -3.44 -2.87 -18.88
CA LYS A 844 -2.33 -2.75 -17.92
C LYS A 844 -1.25 -1.90 -18.57
N TYR A 845 -1.16 -0.64 -18.15
CA TYR A 845 -0.22 0.32 -18.73
C TYR A 845 1.09 0.22 -17.96
N ASN A 846 1.97 -0.66 -18.43
CA ASN A 846 3.31 -0.85 -17.84
C ASN A 846 3.22 -1.16 -16.35
N TYR A 847 2.26 -1.99 -15.97
CA TYR A 847 2.05 -2.37 -14.58
C TYR A 847 2.09 -3.89 -14.46
N ALA A 848 2.88 -4.39 -13.51
CA ALA A 848 3.00 -5.82 -13.26
C ALA A 848 3.01 -6.07 -11.77
N THR A 849 2.31 -7.11 -11.34
CA THR A 849 2.18 -7.45 -9.93
C THR A 849 2.18 -8.97 -9.79
N ASN A 850 1.79 -9.45 -8.61
CA ASN A 850 1.80 -10.87 -8.34
C ASN A 850 0.66 -11.58 -9.08
N GLU A 851 0.57 -12.90 -8.87
CA GLU A 851 -0.44 -13.69 -9.55
C GLU A 851 -1.85 -13.34 -9.08
N ILE A 852 -2.02 -13.07 -7.79
CA ILE A 852 -3.34 -12.77 -7.26
C ILE A 852 -3.87 -11.46 -7.85
N ALA A 853 -3.01 -10.44 -7.93
CA ALA A 853 -3.44 -9.17 -8.50
C ALA A 853 -3.77 -9.31 -9.97
N HIS A 854 -2.98 -10.10 -10.72
CA HIS A 854 -3.28 -10.33 -12.12
C HIS A 854 -4.61 -11.06 -12.30
N VAL A 855 -4.88 -12.05 -11.45
CA VAL A 855 -6.15 -12.76 -11.51
C VAL A 855 -7.31 -11.82 -11.21
N GLN A 856 -7.15 -10.96 -10.20
CA GLN A 856 -8.19 -9.99 -9.87
C GLN A 856 -8.43 -9.02 -11.03
N ARG A 857 -7.35 -8.57 -11.67
CA ARG A 857 -7.49 -7.66 -12.81
C ARG A 857 -8.20 -8.36 -13.96
N ARG A 858 -7.87 -9.62 -14.22
CA ARG A 858 -8.54 -10.36 -15.29
C ARG A 858 -10.02 -10.55 -14.99
N GLY A 859 -10.35 -10.84 -13.72
CA GLY A 859 -11.73 -11.02 -13.33
C GLY A 859 -12.53 -9.74 -13.16
N ARG A 860 -11.87 -8.58 -13.18
CA ARG A 860 -12.57 -7.32 -13.03
C ARG A 860 -13.46 -7.01 -14.23
N GLY A 861 -13.22 -7.65 -15.37
CA GLY A 861 -14.03 -7.41 -16.55
C GLY A 861 -15.31 -8.21 -16.57
N ARG A 862 -16.28 -7.81 -15.73
CA ARG A 862 -17.56 -8.49 -15.66
C ARG A 862 -18.46 -8.21 -16.85
N ALA A 863 -18.11 -7.23 -17.68
CA ALA A 863 -18.93 -6.90 -18.84
C ALA A 863 -18.83 -8.00 -19.90
N LEU A 864 -19.86 -8.06 -20.75
CA LEU A 864 -19.91 -9.07 -21.80
C LEU A 864 -18.80 -8.83 -22.81
N ASN A 865 -18.14 -9.92 -23.24
CA ASN A 865 -17.03 -9.87 -24.19
C ASN A 865 -15.92 -8.93 -23.71
N SER A 866 -15.60 -9.01 -22.43
CA SER A 866 -14.52 -8.20 -21.88
C SER A 866 -13.18 -8.67 -22.43
N GLU A 867 -12.32 -7.71 -22.77
CA GLU A 867 -11.00 -7.99 -23.32
C GLU A 867 -9.93 -7.40 -22.42
N CYS A 868 -8.91 -8.20 -22.12
CA CYS A 868 -7.77 -7.78 -21.31
C CYS A 868 -6.54 -7.74 -22.20
N VAL A 869 -6.01 -6.55 -22.43
CA VAL A 869 -4.85 -6.34 -23.30
C VAL A 869 -3.78 -5.62 -22.49
N LEU A 870 -2.55 -6.13 -22.55
CA LEU A 870 -1.42 -5.54 -21.86
C LEU A 870 -0.54 -4.80 -22.87
N ILE A 871 -0.27 -3.53 -22.61
CA ILE A 871 0.53 -2.68 -23.48
C ILE A 871 1.78 -2.27 -22.72
N THR A 872 2.94 -2.55 -23.30
CA THR A 872 4.20 -2.20 -22.66
C THR A 872 5.27 -2.09 -23.74
N ASN A 873 6.38 -1.44 -23.38
CA ASN A 873 7.51 -1.24 -24.28
C ASN A 873 8.80 -1.85 -23.71
N SER A 874 8.68 -2.70 -22.70
CA SER A 874 9.83 -3.30 -22.04
C SER A 874 9.73 -4.82 -22.09
N ILE A 875 10.87 -5.48 -22.32
CA ILE A 875 10.91 -6.93 -22.33
C ILE A 875 10.63 -7.48 -20.94
N ALA A 876 11.02 -6.74 -19.89
CA ALA A 876 10.82 -7.21 -18.53
C ALA A 876 9.35 -7.38 -18.20
N LEU A 877 8.50 -6.47 -18.69
CA LEU A 877 7.06 -6.60 -18.45
C LEU A 877 6.50 -7.85 -19.10
N ARG A 878 6.92 -8.13 -20.34
CA ARG A 878 6.46 -9.35 -21.01
C ARG A 878 6.95 -10.59 -20.29
N ASP A 879 8.19 -10.58 -19.81
CA ASP A 879 8.71 -11.71 -19.05
C ASP A 879 7.92 -11.92 -17.76
N GLN A 880 7.59 -10.82 -17.07
CA GLN A 880 6.79 -10.93 -15.85
C GLN A 880 5.39 -11.47 -16.15
N GLU A 881 4.79 -11.03 -17.25
CA GLU A 881 3.48 -11.55 -17.63
C GLU A 881 3.54 -13.04 -17.94
N SER A 882 4.59 -13.47 -18.65
CA SER A 882 4.76 -14.89 -18.94
C SER A 882 4.97 -15.68 -17.65
N ASN A 883 5.75 -15.14 -16.71
CA ASN A 883 5.95 -15.82 -15.43
C ASN A 883 4.64 -15.93 -14.66
N ASN A 884 3.83 -14.88 -14.68
CA ASN A 884 2.53 -14.93 -14.01
C ASN A 884 1.61 -15.96 -14.64
N ARG A 885 1.61 -16.04 -15.97
CA ARG A 885 0.81 -17.05 -16.65
C ARG A 885 1.28 -18.46 -16.30
N ASP A 886 2.59 -18.66 -16.25
CA ASP A 886 3.13 -19.96 -15.87
C ASP A 886 2.77 -20.30 -14.43
N LYS A 887 2.80 -19.32 -13.53
CA LYS A 887 2.42 -19.56 -12.15
C LYS A 887 0.93 -19.92 -12.04
N GLU A 888 0.09 -19.25 -12.82
CA GLU A 888 -1.34 -19.60 -12.83
C GLU A 888 -1.56 -21.01 -13.35
N SER A 889 -0.84 -21.39 -14.41
CA SER A 889 -0.95 -22.75 -14.93
C SER A 889 -0.48 -23.77 -13.90
N LEU A 890 0.61 -23.46 -13.18
CA LEU A 890 1.10 -24.36 -12.14
C LEU A 890 0.10 -24.49 -11.01
N MET A 891 -0.55 -23.39 -10.63
CA MET A 891 -1.60 -23.46 -9.62
C MET A 891 -2.77 -24.32 -10.09
N SER A 892 -3.16 -24.17 -11.36
CA SER A 892 -4.24 -25.01 -11.89
C SER A 892 -3.86 -26.48 -11.86
N GLU A 893 -2.62 -26.80 -12.26
CA GLU A 893 -2.17 -28.18 -12.23
C GLU A 893 -2.13 -28.73 -10.81
N THR A 894 -1.66 -27.92 -9.86
CA THR A 894 -1.62 -28.35 -8.46
C THR A 894 -3.02 -28.59 -7.91
N ILE A 895 -3.97 -27.72 -8.27
CA ILE A 895 -5.35 -27.89 -7.81
C ILE A 895 -5.94 -29.16 -8.40
N SER A 896 -5.66 -29.42 -9.68
CA SER A 896 -6.15 -30.65 -10.31
C SER A 896 -5.55 -31.88 -9.64
N LEU A 897 -4.26 -31.83 -9.31
CA LEU A 897 -3.61 -32.95 -8.63
C LEU A 897 -4.20 -33.17 -7.24
N ILE A 898 -4.47 -32.09 -6.51
CA ILE A 898 -5.07 -32.19 -5.18
C ILE A 898 -6.46 -32.80 -5.29
N GLN A 899 -7.24 -32.36 -6.27
CA GLN A 899 -8.58 -32.93 -6.46
C GLN A 899 -8.51 -34.42 -6.82
N ASN A 900 -7.53 -34.79 -7.65
CA ASN A 900 -7.40 -36.19 -8.05
C ASN A 900 -7.06 -37.09 -6.87
N SER A 901 -6.17 -36.66 -6.00
CA SER A 901 -5.73 -37.47 -4.87
C SER A 901 -6.36 -36.94 -3.58
N PRO A 902 -7.34 -37.65 -2.99
CA PRO A 902 -7.95 -37.15 -1.76
C PRO A 902 -7.12 -37.38 -0.50
N ALA A 903 -6.08 -38.21 -0.57
CA ALA A 903 -5.23 -38.50 0.59
C ALA A 903 -4.08 -37.50 0.59
N GLU A 904 -4.32 -36.35 1.21
CA GLU A 904 -3.28 -35.33 1.30
C GLU A 904 -2.10 -35.81 2.13
N PHE A 905 -2.38 -36.47 3.26
CA PHE A 905 -1.34 -37.00 4.15
C PHE A 905 -0.37 -35.91 4.59
N ARG A 906 -0.91 -34.73 4.88
CA ARG A 906 -0.11 -33.59 5.33
C ARG A 906 -0.51 -33.26 6.76
N LYS A 907 0.40 -33.51 7.71
CA LYS A 907 0.19 -33.15 9.11
C LYS A 907 1.40 -32.53 9.77
N CYS A 908 2.53 -32.38 9.07
CA CYS A 908 3.76 -31.97 9.72
C CYS A 908 3.64 -30.57 10.31
N VAL A 909 3.15 -29.61 9.53
CA VAL A 909 3.02 -28.24 10.03
C VAL A 909 1.96 -28.18 11.13
N ASP A 910 0.90 -28.98 11.03
CA ASP A 910 -0.14 -28.96 12.06
C ASP A 910 0.41 -29.36 13.42
N GLU A 911 1.25 -30.40 13.46
CA GLU A 911 1.86 -30.79 14.73
C GLU A 911 2.95 -29.81 15.14
N GLU A 912 3.71 -29.28 14.17
CA GLU A 912 4.75 -28.32 14.48
C GLU A 912 4.20 -26.99 14.99
N SER A 913 2.91 -26.72 14.78
CA SER A 913 2.30 -25.49 15.24
C SER A 913 2.22 -25.41 16.77
N ASN A 914 2.70 -26.45 17.46
CA ASN A 914 2.74 -26.45 18.92
C ASN A 914 3.84 -25.57 19.49
N LYS A 915 4.55 -24.83 18.64
CA LYS A 915 5.64 -23.95 19.06
C LYS A 915 5.16 -22.57 19.48
N ILE A 916 3.89 -22.45 19.86
CA ILE A 916 3.31 -21.13 20.14
C ILE A 916 4.01 -20.46 21.31
N TRP A 917 4.17 -21.18 22.42
CA TRP A 917 4.77 -20.61 23.62
C TRP A 917 6.29 -20.43 23.53
N PRO A 918 7.05 -21.30 22.83
CA PRO A 918 8.47 -21.01 22.63
C PRO A 918 8.72 -19.69 21.89
N ARG A 919 7.82 -19.34 20.97
CA ARG A 919 7.91 -18.03 20.32
C ARG A 919 7.86 -16.91 21.35
N ILE A 920 6.91 -16.98 22.29
CA ILE A 920 6.79 -15.94 23.31
C ILE A 920 7.99 -15.98 24.25
N LEU A 921 8.54 -17.17 24.49
CA LEU A 921 9.73 -17.30 25.33
C LEU A 921 10.90 -16.54 24.70
N ARG A 922 11.18 -16.81 23.43
CA ARG A 922 12.25 -16.07 22.76
C ARG A 922 11.91 -14.59 22.62
N GLU A 923 10.62 -14.26 22.52
CA GLU A 923 10.21 -12.86 22.48
C GLU A 923 10.60 -12.14 23.77
N ASP A 924 10.31 -12.76 24.92
CA ASP A 924 10.70 -12.13 26.18
C ASP A 924 12.22 -12.08 26.31
N THR A 925 12.93 -13.12 25.85
CA THR A 925 14.38 -13.11 25.97
C THR A 925 15.00 -11.98 25.15
N ASP A 926 14.65 -11.85 23.87
CA ASP A 926 15.28 -10.80 23.09
C ASP A 926 14.71 -9.42 23.41
N LYS A 927 13.51 -9.35 23.99
CA LYS A 927 13.05 -8.08 24.55
C LYS A 927 13.92 -7.65 25.73
N ALA A 928 14.28 -8.60 26.59
CA ALA A 928 15.20 -8.30 27.68
C ALA A 928 16.56 -7.89 27.14
N GLN A 929 17.04 -8.56 26.10
CA GLN A 929 18.31 -8.18 25.49
C GLN A 929 18.26 -6.76 24.92
N LYS A 930 17.16 -6.42 24.24
CA LYS A 930 17.01 -5.07 23.71
C LYS A 930 16.93 -4.03 24.82
N ILE A 931 16.27 -4.37 25.93
CA ILE A 931 16.21 -3.46 27.07
C ILE A 931 17.62 -3.24 27.64
N GLU A 932 18.39 -4.33 27.76
CA GLU A 932 19.77 -4.20 28.26
C GLU A 932 20.61 -3.34 27.32
N GLU A 933 20.43 -3.51 26.01
CA GLU A 933 21.16 -2.68 25.06
C GLU A 933 20.74 -1.21 25.17
N GLN A 934 19.46 -0.96 25.40
CA GLN A 934 18.95 0.41 25.49
C GLN A 934 19.33 1.09 26.80
N ILE A 935 19.89 0.34 27.76
CA ILE A 935 20.14 0.85 29.11
C ILE A 935 21.08 2.05 29.08
N ASN A 936 21.81 2.23 27.98
CA ASN A 936 22.66 3.42 27.84
C ASN A 936 21.79 4.67 27.74
N ARG A 937 22.16 5.69 28.51
CA ARG A 937 21.34 6.90 28.61
C ARG A 937 22.23 8.04 29.08
N ASN A 938 21.60 9.12 29.56
CA ASN A 938 22.21 10.32 30.15
C ASN A 938 23.16 11.04 29.19
N ILE A 939 23.02 10.80 27.89
CA ILE A 939 23.77 11.52 26.87
C ILE A 939 22.82 12.42 26.10
N VAL A 940 23.40 13.39 25.39
CA VAL A 940 22.63 14.38 24.64
C VAL A 940 22.93 14.24 23.16
N TYR A 941 22.01 14.75 22.35
CA TYR A 941 22.13 14.70 20.90
C TYR A 941 22.02 16.11 20.32
N LYS A 942 22.89 16.41 19.35
CA LYS A 942 22.87 17.71 18.67
C LYS A 942 22.10 17.54 17.36
N ILE A 943 20.78 17.63 17.46
CA ILE A 943 19.92 17.46 16.30
C ILE A 943 20.10 18.64 15.35
N ILE A 944 20.38 18.34 14.09
CA ILE A 944 20.57 19.37 13.07
C ILE A 944 19.75 19.02 11.83
N CYS A 945 19.61 20.01 10.96
CA CYS A 945 18.88 19.81 9.72
C CYS A 945 19.61 18.82 8.82
N LYS A 946 18.84 18.04 8.06
CA LYS A 946 19.43 17.01 7.21
C LYS A 946 20.22 17.63 6.06
N LYS A 947 19.64 18.62 5.39
CA LYS A 947 20.27 19.21 4.22
C LYS A 947 21.41 20.15 4.58
N CYS A 948 21.28 20.90 5.68
CA CYS A 948 22.29 21.88 6.08
C CYS A 948 22.63 21.70 7.54
N GLU A 949 23.88 22.01 7.89
CA GLU A 949 24.37 21.87 9.26
C GLU A 949 23.95 23.09 10.07
N ALA A 950 22.67 23.12 10.44
CA ALA A 950 22.10 24.18 11.24
C ALA A 950 21.49 23.58 12.50
N ILE A 951 21.79 24.17 13.65
CA ILE A 951 21.33 23.65 14.93
C ILE A 951 19.84 23.97 15.08
N LEU A 952 18.98 22.99 14.80
CA LEU A 952 17.55 23.19 14.94
C LEU A 952 17.15 23.32 16.40
N CYS A 953 17.61 22.40 17.24
CA CYS A 953 17.29 22.37 18.67
C CYS A 953 18.24 21.39 19.33
N THR A 954 18.02 21.15 20.62
CA THR A 954 18.80 20.18 21.38
C THR A 954 17.89 19.04 21.85
N SER A 955 18.52 18.01 22.40
CA SER A 955 17.79 16.79 22.78
C SER A 955 16.82 17.01 23.93
N LYS A 956 16.96 18.10 24.68
CA LYS A 956 16.09 18.35 25.82
C LYS A 956 14.91 19.25 25.50
N ASP A 957 14.78 19.73 24.27
CA ASP A 957 13.69 20.61 23.88
C ASP A 957 12.60 19.89 23.08
N ILE A 958 12.64 18.56 23.02
CA ILE A 958 11.64 17.79 22.28
C ILE A 958 10.72 17.12 23.29
N ARG A 959 9.41 17.28 23.08
CA ARG A 959 8.40 16.72 23.95
C ARG A 959 7.32 16.03 23.13
N SER A 960 6.67 15.03 23.73
CA SER A 960 5.61 14.28 23.08
C SER A 960 4.36 14.33 23.95
N ARG A 961 3.23 14.70 23.33
CA ARG A 961 1.99 14.77 24.08
C ARG A 961 1.34 13.40 24.22
N ASN A 962 0.94 12.80 23.10
CA ASN A 962 0.45 11.43 23.10
C ASN A 962 1.30 10.55 22.19
N THR A 963 1.35 10.91 20.90
CA THR A 963 2.22 10.26 19.93
C THR A 963 2.82 11.28 18.96
N GLN A 964 2.54 12.57 19.16
CA GLN A 964 3.06 13.63 18.33
C GLN A 964 4.24 14.30 19.03
N TYR A 965 5.32 14.49 18.28
CA TYR A 965 6.59 14.95 18.84
C TYR A 965 6.77 16.42 18.50
N LEU A 966 6.70 17.28 19.52
CA LEU A 966 6.75 18.72 19.35
C LEU A 966 7.98 19.27 20.04
N VAL A 967 8.63 20.24 19.40
CA VAL A 967 9.86 20.84 19.89
C VAL A 967 9.52 22.21 20.48
N CYS A 968 9.78 22.38 21.76
CA CYS A 968 9.54 23.65 22.46
C CYS A 968 10.79 24.51 22.51
N ASP A 969 11.38 24.77 21.34
CA ASP A 969 12.59 25.58 21.27
C ASP A 969 12.22 27.05 21.10
N PRO A 970 12.61 27.92 22.03
CA PRO A 970 12.30 29.35 21.85
C PRO A 970 12.90 29.95 20.58
N GLY A 971 14.09 29.49 20.19
CA GLY A 971 14.75 29.97 18.99
C GLY A 971 14.39 29.27 17.71
N PHE A 972 13.46 28.31 17.76
CA PHE A 972 13.08 27.58 16.55
C PHE A 972 12.37 28.48 15.55
N TRP A 973 11.60 29.46 16.02
CA TRP A 973 10.88 30.34 15.12
C TRP A 973 11.85 31.20 14.30
N SER A 974 12.96 31.63 14.91
CA SER A 974 13.92 32.47 14.20
C SER A 974 14.59 31.73 13.06
N LEU A 975 14.76 30.41 13.17
CA LEU A 975 15.40 29.60 12.15
C LEU A 975 14.41 28.87 11.25
N VAL A 976 13.12 29.19 11.34
CA VAL A 976 12.09 28.54 10.54
C VAL A 976 11.46 29.58 9.62
N ARG A 977 10.89 29.09 8.52
CA ARG A 977 10.24 29.95 7.54
C ARG A 977 8.78 30.23 7.89
N LYS A 978 8.07 29.22 8.39
CA LYS A 978 6.66 29.34 8.75
C LYS A 978 5.82 29.80 7.56
N THR A 979 5.84 28.98 6.51
CA THR A 979 5.09 29.30 5.30
C THR A 979 3.59 29.23 5.57
N ARG A 980 2.86 30.19 5.01
CA ARG A 980 1.41 30.30 5.16
C ARG A 980 0.99 30.33 6.63
N THR A 994 -2.93 25.65 4.61
CA THR A 994 -2.27 24.35 4.75
C THR A 994 -1.40 24.30 6.00
N GLY A 995 -0.28 25.02 5.96
CA GLY A 995 0.63 25.05 7.09
C GLY A 995 1.74 24.02 6.97
N SER A 996 2.99 24.47 7.00
CA SER A 996 4.13 23.58 6.89
C SER A 996 5.33 24.23 7.55
N ILE A 997 6.34 23.40 7.83
CA ILE A 997 7.58 23.85 8.46
C ILE A 997 8.70 23.68 7.44
N ASN A 998 9.40 24.77 7.14
CA ASN A 998 10.47 24.77 6.17
C ASN A 998 11.70 25.44 6.76
N CYS A 999 12.88 24.96 6.35
CA CYS A 999 14.13 25.52 6.83
C CYS A 999 14.35 26.91 6.27
N ARG A 1000 14.77 27.84 7.13
CA ARG A 1000 15.06 29.21 6.70
C ARG A 1000 16.44 29.35 6.07
N ARG A 1001 17.30 28.35 6.19
CA ARG A 1001 18.62 28.42 5.61
C ARG A 1001 18.54 28.52 4.09
N GLU A 1002 19.45 29.31 3.50
CA GLU A 1002 19.43 29.54 2.07
C GLU A 1002 19.77 28.25 1.32
N ASN A 1003 19.08 28.04 0.20
CA ASN A 1003 19.30 26.88 -0.67
C ASN A 1003 19.13 25.57 0.09
N CYS A 1004 18.10 25.49 0.93
CA CYS A 1004 17.77 24.28 1.66
C CYS A 1004 16.46 23.67 1.20
N GLY A 1005 15.36 24.41 1.28
CA GLY A 1005 14.08 23.95 0.79
C GLY A 1005 13.62 22.62 1.37
N LEU A 1006 13.98 22.34 2.62
CA LEU A 1006 13.66 21.07 3.25
C LEU A 1006 12.48 21.24 4.19
N LYS A 1007 11.50 20.35 4.07
CA LYS A 1007 10.31 20.36 4.92
C LYS A 1007 10.64 19.59 6.19
N LEU A 1008 10.92 20.31 7.27
CA LEU A 1008 11.28 19.68 8.54
C LEU A 1008 10.09 19.06 9.25
N GLY A 1009 8.86 19.36 8.83
CA GLY A 1009 7.69 18.80 9.48
C GLY A 1009 6.46 19.60 9.15
N GLN A 1010 5.41 19.35 9.93
CA GLN A 1010 4.12 20.01 9.77
C GLN A 1010 3.81 20.84 11.01
N LEU A 1011 3.05 21.91 10.80
CA LEU A 1011 2.68 22.84 11.86
C LEU A 1011 1.28 22.48 12.36
N ILE A 1012 1.17 22.20 13.66
CA ILE A 1012 -0.09 21.79 14.27
C ILE A 1012 -0.31 22.59 15.55
N GLU A 1013 -1.55 22.60 16.00
CA GLU A 1013 -1.95 23.32 17.21
C GLU A 1013 -2.66 22.36 18.16
N VAL A 1014 -2.44 22.57 19.46
CA VAL A 1014 -3.16 21.80 20.47
C VAL A 1014 -3.90 22.74 21.43
N ASN A 1015 -3.22 23.76 21.95
CA ASN A 1015 -3.87 24.78 22.77
C ASN A 1015 -4.22 26.01 21.94
N THR A 1016 -4.92 25.79 20.81
CA THR A 1016 -5.33 26.84 19.89
C THR A 1016 -4.15 27.68 19.40
N VAL A 1017 -2.92 27.15 19.49
CA VAL A 1017 -1.72 27.86 19.06
C VAL A 1017 -0.85 26.89 18.27
N ASP A 1018 -0.41 27.33 17.09
CA ASP A 1018 0.40 26.49 16.23
C ASP A 1018 1.78 26.23 16.85
N LEU A 1019 2.17 24.96 16.89
CA LEU A 1019 3.46 24.56 17.43
C LEU A 1019 4.19 23.69 16.41
N PRO A 1020 5.51 23.79 16.33
CA PRO A 1020 6.26 22.97 15.38
C PRO A 1020 6.23 21.49 15.74
N CYS A 1021 6.30 20.66 14.71
CA CYS A 1021 6.34 19.21 14.86
C CYS A 1021 7.43 18.66 13.97
N LEU A 1022 8.54 18.23 14.56
CA LEU A 1022 9.67 17.74 13.80
C LEU A 1022 9.36 16.37 13.21
N SER A 1023 10.04 16.05 12.10
CA SER A 1023 9.90 14.79 11.41
C SER A 1023 11.24 14.05 11.40
N ALA A 1024 11.19 12.74 11.64
CA ALA A 1024 12.43 11.96 11.70
C ALA A 1024 13.10 11.85 10.34
N LEU A 1025 12.32 11.89 9.26
CA LEU A 1025 12.88 11.75 7.92
C LEU A 1025 13.59 13.02 7.44
N SER A 1026 13.46 14.13 8.16
CA SER A 1026 14.08 15.39 7.78
C SER A 1026 15.12 15.87 8.78
N ILE A 1027 15.49 15.04 9.76
CA ILE A 1027 16.48 15.40 10.76
C ILE A 1027 17.53 14.31 10.85
N VAL A 1028 18.72 14.68 11.30
CA VAL A 1028 19.84 13.77 11.47
C VAL A 1028 20.38 13.95 12.88
N LEU A 1029 20.52 12.84 13.60
CA LEU A 1029 21.02 12.88 14.98
C LEU A 1029 22.54 12.90 14.98
N LEU A 1030 23.12 13.81 15.76
CA LEU A 1030 24.56 13.94 15.90
C LEU A 1030 24.94 13.76 17.36
N VAL A 1031 25.98 12.97 17.61
CA VAL A 1031 26.46 12.71 18.97
C VAL A 1031 27.56 13.71 19.31
N GLU A 1032 27.53 14.20 20.54
CA GLU A 1032 28.57 15.12 21.00
C GLU A 1032 29.91 14.40 21.11
N GLY A 1033 30.97 15.07 20.64
CA GLY A 1033 32.29 14.47 20.66
C GLY A 1033 32.70 13.91 19.31
N THR A 1034 32.62 12.59 19.17
CA THR A 1034 32.96 11.96 17.91
C THR A 1034 31.95 12.36 16.83
N ASP A 1035 32.44 12.55 15.61
CA ASP A 1035 31.59 12.96 14.48
C ASP A 1035 30.97 11.72 13.86
N LYS A 1036 29.97 11.18 14.56
CA LYS A 1036 29.23 10.01 14.11
C LYS A 1036 27.81 10.44 13.77
N ARG A 1037 27.49 10.46 12.47
CA ARG A 1037 26.17 10.84 12.03
C ARG A 1037 25.21 9.66 12.14
N ILE A 1038 23.98 9.94 12.55
CA ILE A 1038 22.95 8.94 12.76
C ILE A 1038 21.76 9.27 11.86
N ILE A 1039 21.33 8.29 11.07
CA ILE A 1039 20.17 8.43 10.20
C ILE A 1039 19.01 7.67 10.80
N VAL A 1040 17.83 8.30 10.82
CA VAL A 1040 16.63 7.72 11.42
C VAL A 1040 15.53 7.70 10.37
N LYS A 1041 14.91 6.52 10.19
CA LYS A 1041 13.81 6.35 9.26
C LYS A 1041 12.45 6.45 9.91
N LYS A 1042 12.29 5.87 11.10
CA LYS A 1042 11.03 5.93 11.84
C LYS A 1042 11.32 6.33 13.27
N TRP A 1043 10.34 6.98 13.90
CA TRP A 1043 10.52 7.48 15.27
C TRP A 1043 10.65 6.36 16.28
N LYS A 1044 10.22 5.15 15.94
CA LYS A 1044 10.36 4.02 16.86
C LYS A 1044 11.83 3.70 17.12
N ASN A 1045 12.66 3.75 16.09
CA ASN A 1045 14.08 3.42 16.24
C ASN A 1045 14.77 4.39 17.20
N ILE A 1046 14.57 5.69 17.00
CA ILE A 1046 15.17 6.67 17.90
C ILE A 1046 14.55 6.56 19.29
N LEU A 1047 13.25 6.25 19.37
CA LEU A 1047 12.61 6.09 20.66
C LEU A 1047 13.25 4.97 21.49
N ASP A 1048 13.48 3.82 20.86
CA ASP A 1048 13.93 2.64 21.59
C ASP A 1048 15.43 2.38 21.45
N LYS A 1049 16.18 3.30 20.85
CA LYS A 1049 17.62 3.06 20.69
C LYS A 1049 18.47 4.21 21.20
N TYR A 1050 17.97 5.45 21.12
CA TYR A 1050 18.79 6.62 21.42
C TYR A 1050 18.31 7.37 22.66
N PHE A 1051 17.07 7.83 22.68
CA PHE A 1051 16.56 8.55 23.84
C PHE A 1051 15.04 8.63 23.76
N THR A 1052 14.43 8.99 24.89
CA THR A 1052 12.98 9.10 25.01
C THR A 1052 12.63 10.51 25.50
N PRO A 1053 11.84 11.28 24.75
CA PRO A 1053 11.44 12.60 25.23
C PRO A 1053 10.47 12.50 26.40
N THR A 1054 10.44 13.58 27.20
CA THR A 1054 9.59 13.64 28.37
C THR A 1054 8.16 13.97 27.98
N GLU A 1055 7.27 13.92 28.97
CA GLU A 1055 5.86 14.24 28.75
C GLU A 1055 5.67 15.74 28.62
N ILE A 1056 4.56 16.13 28.00
CA ILE A 1056 4.28 17.54 27.76
C ILE A 1056 3.67 18.16 29.01
N ARG A 1057 4.09 19.39 29.30
CA ARG A 1057 3.54 20.22 30.36
C ARG A 1057 2.99 21.50 29.72
N GLN A 1058 2.65 22.47 30.56
CA GLN A 1058 2.21 23.76 30.04
C GLN A 1058 3.40 24.51 29.48
N LEU A 1059 4.01 23.97 28.41
CA LEU A 1059 5.14 24.58 27.75
C LEU A 1059 4.76 25.35 26.50
N ASP A 1060 3.46 25.38 26.15
CA ASP A 1060 3.02 26.21 25.04
C ASP A 1060 3.12 27.70 25.35
N VAL A 1061 3.32 28.06 26.61
CA VAL A 1061 3.41 29.47 26.99
C VAL A 1061 4.67 30.10 26.38
N GLN A 1062 5.84 29.55 26.73
CA GLN A 1062 7.09 30.12 26.23
C GLN A 1062 7.22 30.01 24.72
N THR A 1063 6.62 28.98 24.12
CA THR A 1063 6.58 28.88 22.67
C THR A 1063 5.66 29.92 22.04
N MET A 1064 4.52 30.22 22.66
CA MET A 1064 3.60 31.24 22.14
C MET A 1064 4.17 32.65 22.27
N ARG A 1065 4.94 32.93 23.33
CA ARG A 1065 5.59 34.23 23.42
C ARG A 1065 6.44 34.53 22.19
N ASP A 1066 7.29 33.59 21.81
CA ASP A 1066 8.23 33.80 20.72
C ASP A 1066 7.65 33.46 19.35
N ALA A 1067 6.45 32.87 19.30
CA ALA A 1067 5.80 32.64 18.01
C ALA A 1067 5.47 33.96 17.32
N ASP A 1068 4.97 34.92 18.08
CA ASP A 1068 4.69 36.25 17.56
C ASP A 1068 5.81 37.22 17.96
N GLN A 1069 5.86 38.35 17.24
CA GLN A 1069 6.89 39.39 17.37
C GLN A 1069 8.28 38.85 17.77
#